data_4C4O
#
_entry.id   4C4O
#
_cell.length_a   66.720
_cell.length_b   88.840
_cell.length_c   118.200
_cell.angle_alpha   90.00
_cell.angle_beta   100.40
_cell.angle_gamma   90.00
#
_symmetry.space_group_name_H-M   'P 1 21 1'
#
loop_
_entity.id
_entity.type
_entity.pdbx_description
1 polymer 'CARBONYL REDUCTASE CPCR2'
2 non-polymer 'ZINC ION'
3 non-polymer NICOTINAMIDE-ADENINE-DINUCLEOTIDE
4 non-polymer 1,2-ETHANEDIOL
5 water water
#
_entity_poly.entity_id   1
_entity_poly.type   'polypeptide(L)'
_entity_poly.pdbx_seq_one_letter_code
;MSIPSSQYGFVFNKQSGLNLRNDLPVHKPKAGQLLLKVDAVGLCHSDLHVIYEGLDCGDNYVMGHEIAGTVAAVGDDVIN
YKVGDRVACVGPNGCGGCKYCRGAIDNVCKNAFGDWFGLGYDGGYQQYLLVTRPRNLSRIPDNVSADVAAASTDAVLTPY
HAIKMAQVSPTSNILLIGAGGLGGNAIQVAKAFGAKVTVLDKKKEARDQAKKLGADAVYETLPESISPGSFSACFDFVSV
QATFDVCQKYVEPKGVIMPVGLGAPNLSFNLGDLALREIRILGSFWGTTNDLDDVLKLVSEGKVKPVVRSAKLKELPEYI
EKLRNNAYEGRVVFNP
;
_entity_poly.pdbx_strand_id   A,B,C,D
#
# COMPACT_ATOMS: atom_id res chain seq x y z
N ILE A 3 38.19 -31.08 4.09
CA ILE A 3 37.87 -30.42 2.78
C ILE A 3 39.16 -30.09 1.97
N PRO A 4 39.13 -30.26 0.64
CA PRO A 4 40.40 -30.22 -0.08
C PRO A 4 40.96 -28.83 -0.16
N SER A 5 42.19 -28.72 -0.64
CA SER A 5 42.83 -27.44 -0.78
C SER A 5 42.78 -26.99 -2.24
N SER A 6 42.51 -27.93 -3.16
CA SER A 6 42.26 -27.63 -4.57
C SER A 6 40.93 -28.20 -5.06
N GLN A 7 40.48 -27.69 -6.21
CA GLN A 7 39.20 -28.11 -6.78
C GLN A 7 39.13 -27.74 -8.28
N TYR A 8 38.08 -28.17 -8.97
CA TYR A 8 37.84 -27.77 -10.36
C TYR A 8 36.65 -26.83 -10.52
N GLY A 9 36.65 -26.07 -11.62
CA GLY A 9 35.54 -25.18 -11.93
C GLY A 9 35.66 -24.48 -13.26
N PHE A 10 34.57 -23.83 -13.67
CA PHE A 10 34.51 -23.14 -14.92
C PHE A 10 34.52 -21.62 -14.70
N VAL A 11 35.63 -21.00 -15.11
CA VAL A 11 35.86 -19.55 -15.02
C VAL A 11 35.61 -18.88 -16.38
N PHE A 12 34.92 -17.72 -16.35
CA PHE A 12 34.69 -16.88 -17.53
C PHE A 12 35.72 -15.76 -17.58
N ASN A 13 36.21 -15.50 -18.78
CA ASN A 13 37.07 -14.36 -19.05
C ASN A 13 36.55 -13.71 -20.33
N LYS A 14 36.53 -12.38 -20.35
CA LYS A 14 35.99 -11.62 -21.47
C LYS A 14 36.72 -11.97 -22.78
N GLN A 15 38.03 -12.28 -22.67
CA GLN A 15 38.88 -12.63 -23.83
C GLN A 15 38.78 -14.09 -24.37
N SER A 16 38.43 -15.04 -23.51
CA SER A 16 38.50 -16.47 -23.89
C SER A 16 37.32 -17.33 -23.43
N GLY A 17 36.21 -16.69 -23.07
CA GLY A 17 34.98 -17.41 -22.74
C GLY A 17 35.06 -18.17 -21.44
N LEU A 18 34.28 -19.25 -21.36
CA LEU A 18 34.21 -20.09 -20.16
C LEU A 18 35.11 -21.30 -20.34
N ASN A 19 36.04 -21.51 -19.41
CA ASN A 19 37.03 -22.61 -19.50
C ASN A 19 37.16 -23.40 -18.21
N LEU A 20 37.30 -24.73 -18.35
CA LEU A 20 37.63 -25.62 -17.23
C LEU A 20 39.01 -25.31 -16.67
N ARG A 21 39.12 -25.29 -15.34
CA ARG A 21 40.40 -25.24 -14.64
C ARG A 21 40.31 -26.31 -13.55
N ASN A 22 41.29 -27.21 -13.48
CA ASN A 22 41.31 -28.28 -12.47
C ASN A 22 42.26 -27.99 -11.27
N ASP A 23 42.81 -26.77 -11.26
CA ASP A 23 43.86 -26.39 -10.31
C ASP A 23 43.39 -25.14 -9.52
N LEU A 24 42.08 -25.02 -9.26
CA LEU A 24 41.53 -23.84 -8.57
C LEU A 24 41.75 -23.94 -7.07
N PRO A 25 41.96 -22.79 -6.42
CA PRO A 25 42.03 -22.81 -4.97
C PRO A 25 40.66 -23.00 -4.28
N VAL A 26 40.71 -23.47 -3.05
CA VAL A 26 39.59 -23.48 -2.14
C VAL A 26 39.90 -22.52 -0.99
N HIS A 27 39.08 -21.48 -0.84
CA HIS A 27 39.41 -20.41 0.08
C HIS A 27 39.01 -20.79 1.51
N LYS A 28 39.73 -20.27 2.51
CA LYS A 28 39.37 -20.46 3.93
C LYS A 28 38.59 -19.22 4.24
N PRO A 29 37.41 -19.37 4.85
CA PRO A 29 36.65 -18.18 5.18
C PRO A 29 37.30 -17.29 6.23
N LYS A 30 37.21 -15.99 6.05
CA LYS A 30 37.53 -15.02 7.12
C LYS A 30 36.33 -14.88 8.04
N ALA A 31 36.51 -14.05 9.06
CA ALA A 31 35.43 -13.70 9.96
C ALA A 31 34.30 -13.17 9.07
N GLY A 32 33.12 -13.61 9.37
CA GLY A 32 32.01 -13.09 8.67
C GLY A 32 31.70 -13.82 7.40
N GLN A 33 32.54 -14.78 6.95
CA GLN A 33 32.32 -15.51 5.69
C GLN A 33 32.03 -16.96 5.96
N LEU A 34 31.64 -17.67 4.92
CA LEU A 34 31.52 -19.10 5.00
C LEU A 34 31.87 -19.73 3.68
N LEU A 35 32.15 -21.01 3.73
CA LEU A 35 32.51 -21.79 2.57
C LEU A 35 31.41 -22.76 2.33
N LEU A 36 30.90 -22.73 1.11
CA LEU A 36 29.78 -23.56 0.72
C LEU A 36 30.28 -24.67 -0.18
N LYS A 37 29.94 -25.90 0.17
CA LYS A 37 30.10 -27.02 -0.75
C LYS A 37 28.92 -27.10 -1.72
N VAL A 38 29.18 -26.96 -3.01
CA VAL A 38 28.10 -26.86 -4.01
C VAL A 38 27.52 -28.22 -4.26
N ASP A 39 26.21 -28.37 -4.06
CA ASP A 39 25.52 -29.64 -4.34
C ASP A 39 24.82 -29.59 -5.72
N ALA A 40 24.31 -28.44 -6.15
CA ALA A 40 23.62 -28.33 -7.44
C ALA A 40 23.71 -26.92 -7.89
N VAL A 41 23.92 -26.74 -9.20
CA VAL A 41 24.02 -25.42 -9.78
C VAL A 41 23.35 -25.44 -11.16
N GLY A 42 22.46 -24.45 -11.39
CA GLY A 42 21.58 -24.43 -12.57
C GLY A 42 22.23 -23.66 -13.68
N LEU A 43 21.77 -23.87 -14.91
CA LEU A 43 22.23 -23.15 -16.09
C LEU A 43 21.07 -22.32 -16.65
N HIS A 45 19.32 -19.23 -19.50
CA HIS A 45 19.61 -18.54 -20.79
C HIS A 45 20.52 -17.35 -20.55
N SER A 46 20.46 -16.75 -19.35
CA SER A 46 21.30 -15.60 -19.01
C SER A 46 22.82 -15.90 -19.04
N ASP A 47 23.23 -17.15 -18.81
CA ASP A 47 24.64 -17.47 -18.95
C ASP A 47 25.11 -17.34 -20.42
N LEU A 48 24.24 -17.72 -21.35
CA LEU A 48 24.54 -17.59 -22.78
C LEU A 48 24.70 -16.12 -23.15
N HIS A 49 23.84 -15.24 -22.63
CA HIS A 49 23.95 -13.81 -22.98
C HIS A 49 25.30 -13.23 -22.51
N ILE A 51 28.97 -13.44 -21.89
CA ILE A 51 29.18 -14.80 -22.43
C ILE A 51 29.33 -14.82 -23.99
N TYR A 52 28.26 -15.13 -24.72
CA TYR A 52 28.25 -15.08 -26.20
C TYR A 52 27.76 -13.74 -26.74
N GLU A 53 27.02 -12.98 -25.96
CA GLU A 53 26.31 -11.79 -26.42
C GLU A 53 26.84 -10.50 -25.82
N GLY A 54 27.80 -10.62 -24.90
CA GLY A 54 28.59 -9.51 -24.38
C GLY A 54 27.96 -8.71 -23.24
N LEU A 55 27.67 -9.37 -22.11
CA LEU A 55 26.93 -8.76 -20.98
C LEU A 55 27.88 -8.38 -19.82
N CYS A 57 28.64 -8.17 -17.82
CA CYS A 57 28.57 -8.49 -16.41
C CYS A 57 29.91 -8.76 -15.70
N GLY A 58 30.96 -9.26 -16.36
CA GLY A 58 32.16 -9.52 -15.55
C GLY A 58 33.55 -9.61 -16.18
N ASP A 59 34.38 -10.60 -15.81
CA ASP A 59 35.78 -10.57 -16.09
C ASP A 59 36.36 -11.41 -14.98
N ASN A 60 36.55 -12.67 -15.28
CA ASN A 60 37.37 -13.55 -14.46
C ASN A 60 36.68 -13.95 -13.15
N TYR A 61 35.53 -14.61 -13.29
CA TYR A 61 34.78 -15.10 -12.15
C TYR A 61 34.24 -16.46 -12.51
N VAL A 62 34.03 -17.31 -11.51
CA VAL A 62 33.35 -18.61 -11.72
C VAL A 62 31.87 -18.30 -11.98
N MET A 63 31.33 -18.84 -13.08
CA MET A 63 29.94 -18.62 -13.41
C MET A 63 29.06 -19.62 -12.65
N GLY A 64 27.76 -19.51 -12.87
CA GLY A 64 26.78 -20.38 -12.22
C GLY A 64 26.04 -19.57 -11.16
N HIS A 65 24.84 -19.08 -11.47
CA HIS A 65 24.14 -18.13 -10.57
C HIS A 65 22.89 -18.72 -9.92
N GLU A 66 22.71 -20.04 -10.06
CA GLU A 66 21.57 -20.75 -9.48
C GLU A 66 22.18 -21.80 -8.61
N ILE A 67 22.36 -21.51 -7.33
CA ILE A 67 23.22 -22.34 -6.48
C ILE A 67 22.56 -22.89 -5.22
N ALA A 68 22.73 -24.19 -4.99
CA ALA A 68 22.32 -24.86 -3.78
C ALA A 68 23.50 -25.66 -3.21
N GLY A 69 23.66 -25.68 -1.90
CA GLY A 69 24.76 -26.40 -1.30
C GLY A 69 24.66 -26.57 0.18
N THR A 70 25.79 -27.00 0.78
CA THR A 70 25.89 -27.35 2.20
C THR A 70 27.07 -26.59 2.76
N VAL A 71 26.85 -25.89 3.86
CA VAL A 71 27.90 -25.12 4.51
C VAL A 71 29.03 -26.10 4.94
N ALA A 72 30.26 -25.83 4.51
CA ALA A 72 31.38 -26.71 4.77
C ALA A 72 32.28 -26.14 5.86
N ALA A 73 32.37 -24.82 5.97
CA ALA A 73 33.11 -24.19 7.05
C ALA A 73 32.61 -22.78 7.23
N VAL A 74 32.69 -22.29 8.47
CA VAL A 74 32.27 -20.94 8.78
C VAL A 74 33.40 -20.20 9.44
N GLY A 75 33.43 -18.90 9.21
CA GLY A 75 34.39 -17.97 9.85
C GLY A 75 33.90 -17.59 11.23
N ASP A 76 34.71 -16.82 11.95
CA ASP A 76 34.24 -16.17 13.18
C ASP A 76 33.08 -15.22 12.91
N ASP A 77 32.27 -14.95 13.92
CA ASP A 77 31.17 -13.99 13.79
C ASP A 77 30.09 -14.49 12.86
N VAL A 78 30.12 -15.77 12.50
CA VAL A 78 28.97 -16.30 11.84
C VAL A 78 28.14 -17.12 12.85
N ILE A 79 26.95 -16.61 13.16
CA ILE A 79 26.06 -17.23 14.15
C ILE A 79 24.77 -17.80 13.54
N ASN A 80 24.38 -17.33 12.37
CA ASN A 80 23.17 -17.80 11.70
C ASN A 80 23.34 -19.15 10.98
N TYR A 81 24.58 -19.56 10.68
CA TYR A 81 24.81 -20.80 9.96
C TYR A 81 25.89 -21.63 10.61
N LYS A 82 25.76 -22.92 10.46
CA LYS A 82 26.76 -23.85 10.96
C LYS A 82 27.01 -24.92 9.91
N VAL A 83 28.15 -25.55 10.04
CA VAL A 83 28.55 -26.60 9.14
C VAL A 83 27.43 -27.63 9.05
N GLY A 84 27.15 -28.12 7.83
CA GLY A 84 26.00 -29.02 7.59
C GLY A 84 24.68 -28.35 7.18
N ASP A 85 24.51 -27.04 7.42
CA ASP A 85 23.28 -26.36 6.98
C ASP A 85 23.15 -26.38 5.45
N ARG A 86 21.96 -26.69 4.96
CA ARG A 86 21.75 -26.68 3.52
C ARG A 86 21.19 -25.30 3.20
N VAL A 87 21.81 -24.61 2.21
CA VAL A 87 21.42 -23.26 1.84
C VAL A 87 21.41 -23.04 0.32
N ALA A 88 20.58 -22.10 -0.16
CA ALA A 88 20.57 -21.66 -1.55
C ALA A 88 20.98 -20.21 -1.60
N CYS A 89 21.61 -19.81 -2.70
CA CYS A 89 22.19 -18.49 -2.78
C CYS A 89 21.20 -17.53 -3.41
N VAL A 90 21.17 -16.33 -2.86
CA VAL A 90 20.35 -15.25 -3.41
C VAL A 90 21.24 -14.46 -4.36
N GLY A 91 21.08 -14.75 -5.66
CA GLY A 91 21.88 -14.20 -6.72
C GLY A 91 22.36 -12.74 -6.64
N PRO A 92 21.44 -11.78 -6.41
CA PRO A 92 21.85 -10.35 -6.40
C PRO A 92 22.89 -10.02 -5.33
N ASN A 93 23.04 -10.90 -4.32
CA ASN A 93 24.16 -10.78 -3.42
C ASN A 93 24.35 -9.33 -2.84
N GLY A 94 23.26 -8.70 -2.36
CA GLY A 94 23.32 -7.34 -1.86
C GLY A 94 24.39 -7.09 -0.75
N CYS A 95 24.85 -5.85 -0.65
CA CYS A 95 25.84 -5.45 0.36
C CYS A 95 25.36 -5.58 1.81
N GLY A 96 24.06 -5.44 2.06
CA GLY A 96 23.56 -5.57 3.43
C GLY A 96 23.69 -4.30 4.29
N GLY A 97 24.35 -3.25 3.79
CA GLY A 97 24.61 -2.04 4.56
C GLY A 97 23.96 -0.76 4.03
N CYS A 98 23.37 -0.78 2.83
CA CYS A 98 22.81 0.42 2.24
C CYS A 98 21.29 0.49 2.50
N LYS A 99 20.66 1.61 2.09
CA LYS A 99 19.24 1.82 2.38
C LYS A 99 18.36 0.84 1.62
N TYR A 100 18.81 0.44 0.42
CA TYR A 100 18.06 -0.54 -0.36
C TYR A 100 18.05 -1.88 0.36
N CYS A 101 19.23 -2.33 0.78
CA CYS A 101 19.31 -3.62 1.49
C CYS A 101 18.57 -3.61 2.84
N ARG A 102 18.48 -2.46 3.50
CA ARG A 102 18.02 -2.45 4.90
C ARG A 102 16.50 -2.32 5.29
N GLY A 103 15.53 -1.85 4.49
CA GLY A 103 15.47 -1.78 3.05
C GLY A 103 14.32 -2.71 2.57
N ALA A 104 14.58 -4.01 2.67
CA ALA A 104 13.77 -5.09 2.05
C ALA A 104 13.88 -5.16 0.53
N ILE A 105 14.82 -4.42 -0.05
CA ILE A 105 14.97 -4.45 -1.49
C ILE A 105 16.45 -4.65 -1.82
N ASP A 106 16.99 -5.76 -1.32
CA ASP A 106 18.40 -6.05 -1.54
C ASP A 106 18.67 -6.48 -2.99
N ASN A 107 17.61 -6.74 -3.77
CA ASN A 107 17.80 -7.06 -5.21
C ASN A 107 18.22 -5.85 -6.07
N VAL A 108 18.04 -4.59 -5.60
CA VAL A 108 18.45 -3.40 -6.38
C VAL A 108 19.62 -2.65 -5.71
N CYS A 109 20.41 -3.36 -4.92
CA CYS A 109 21.59 -2.78 -4.27
C CYS A 109 22.58 -2.21 -5.30
N LYS A 110 22.83 -0.91 -5.22
CA LYS A 110 23.86 -0.27 -6.10
C LYS A 110 25.28 -0.80 -5.83
N ASN A 111 25.65 -0.90 -4.56
CA ASN A 111 26.99 -1.41 -4.21
C ASN A 111 27.31 -2.85 -4.69
N ALA A 112 26.30 -3.66 -5.04
CA ALA A 112 26.53 -5.04 -5.49
C ALA A 112 26.48 -5.21 -7.01
N PHE A 113 26.22 -4.14 -7.75
CA PHE A 113 26.23 -4.23 -9.21
C PHE A 113 27.62 -4.75 -9.57
N GLY A 114 27.69 -5.75 -10.44
CA GLY A 114 28.97 -6.39 -10.75
C GLY A 114 29.48 -7.39 -9.71
N ASP A 115 28.72 -7.63 -8.64
CA ASP A 115 29.13 -8.57 -7.60
C ASP A 115 28.08 -9.67 -7.34
N TRP A 116 27.25 -9.97 -8.34
CA TRP A 116 26.21 -11.00 -8.18
C TRP A 116 26.86 -12.40 -8.30
N PHE A 117 26.31 -13.38 -7.61
CA PHE A 117 26.80 -14.75 -7.65
C PHE A 117 26.79 -15.27 -9.08
N GLY A 118 27.97 -15.66 -9.56
CA GLY A 118 28.14 -16.23 -10.90
C GLY A 118 27.99 -15.23 -12.03
N LEU A 119 27.92 -13.94 -11.71
CA LEU A 119 27.71 -12.86 -12.69
C LEU A 119 28.46 -11.60 -12.22
N GLY A 120 29.77 -11.77 -12.04
CA GLY A 120 30.64 -10.71 -11.54
C GLY A 120 31.45 -11.19 -10.35
N TYR A 121 30.74 -11.75 -9.37
CA TYR A 121 31.40 -12.49 -8.30
C TYR A 121 31.30 -13.99 -8.64
N ASP A 122 32.15 -14.79 -8.02
CA ASP A 122 32.13 -16.25 -8.23
C ASP A 122 30.78 -16.87 -7.88
N GLY A 123 30.49 -17.94 -8.60
CA GLY A 123 29.25 -18.67 -8.45
C GLY A 123 29.47 -20.15 -8.26
N GLY A 124 28.53 -20.90 -8.81
CA GLY A 124 28.36 -22.30 -8.48
C GLY A 124 29.02 -23.34 -9.38
N TYR A 125 29.60 -22.92 -10.51
CA TYR A 125 30.25 -23.91 -11.41
C TYR A 125 31.63 -24.31 -10.87
N GLN A 126 31.65 -24.85 -9.66
CA GLN A 126 32.87 -25.29 -8.94
C GLN A 126 32.43 -26.17 -7.78
N GLN A 127 33.37 -26.68 -7.01
CA GLN A 127 33.03 -27.58 -5.91
C GLN A 127 32.78 -26.84 -4.61
N TYR A 128 33.48 -25.72 -4.39
CA TYR A 128 33.45 -25.02 -3.09
C TYR A 128 33.42 -23.52 -3.33
N LEU A 129 32.37 -22.86 -2.84
CA LEU A 129 32.19 -21.42 -3.10
C LEU A 129 32.37 -20.65 -1.83
N LEU A 130 33.17 -19.60 -1.88
CA LEU A 130 33.33 -18.73 -0.77
C LEU A 130 32.21 -17.75 -0.82
N VAL A 131 31.42 -17.72 0.26
CA VAL A 131 30.36 -16.74 0.40
C VAL A 131 30.84 -15.62 1.30
N THR A 132 31.11 -14.48 0.69
CA THR A 132 31.53 -13.29 1.41
C THR A 132 30.42 -12.68 2.23
N ARG A 133 29.16 -12.91 1.85
CA ARG A 133 28.02 -12.25 2.49
C ARG A 133 26.92 -13.28 2.77
N PRO A 134 27.06 -13.99 3.89
CA PRO A 134 26.11 -15.02 4.22
C PRO A 134 24.68 -14.54 4.44
N ARG A 135 24.44 -13.24 4.63
CA ARG A 135 23.08 -12.75 4.68
C ARG A 135 22.30 -13.15 3.41
N ASN A 136 23.01 -13.35 2.30
CA ASN A 136 22.43 -13.68 0.98
C ASN A 136 22.30 -15.17 0.74
N LEU A 137 21.76 -15.83 1.75
CA LEU A 137 21.57 -17.28 1.70
C LEU A 137 20.20 -17.54 2.27
N SER A 138 19.56 -18.59 1.78
CA SER A 138 18.27 -19.01 2.29
C SER A 138 18.32 -20.51 2.61
N ARG A 139 17.79 -20.90 3.79
CA ARG A 139 17.85 -22.27 4.26
C ARG A 139 16.93 -23.15 3.42
N ILE A 140 17.46 -24.24 2.89
CA ILE A 140 16.67 -25.17 2.10
C ILE A 140 15.88 -26.07 3.05
N PRO A 141 14.55 -26.16 2.90
CA PRO A 141 13.85 -27.07 3.81
C PRO A 141 14.29 -28.54 3.63
N ASP A 142 14.14 -29.34 4.67
CA ASP A 142 14.62 -30.73 4.66
C ASP A 142 14.04 -31.57 3.53
N ASN A 143 12.79 -31.39 3.22
CA ASN A 143 12.16 -32.19 2.15
C ASN A 143 12.36 -31.67 0.75
N VAL A 144 13.21 -30.65 0.59
CA VAL A 144 13.52 -30.13 -0.74
C VAL A 144 14.93 -30.47 -1.10
N SER A 145 15.10 -31.01 -2.30
CA SER A 145 16.39 -31.49 -2.75
C SER A 145 17.21 -30.31 -3.18
N ALA A 146 18.51 -30.51 -3.28
CA ALA A 146 19.41 -29.50 -3.73
C ALA A 146 19.17 -29.14 -5.19
N ASP A 147 18.88 -30.13 -6.01
CA ASP A 147 18.53 -29.90 -7.42
C ASP A 147 17.32 -28.94 -7.59
N VAL A 148 16.25 -29.21 -6.86
CA VAL A 148 15.01 -28.43 -6.98
C VAL A 148 15.24 -27.01 -6.42
N ALA A 149 16.00 -26.91 -5.33
CA ALA A 149 16.36 -25.62 -4.72
C ALA A 149 17.17 -24.80 -5.70
N ALA A 150 18.14 -25.41 -6.33
CA ALA A 150 18.89 -24.68 -7.32
C ALA A 150 17.98 -24.17 -8.43
N ALA A 151 17.09 -25.02 -8.94
CA ALA A 151 16.20 -24.61 -10.03
C ALA A 151 15.16 -23.57 -9.61
N SER A 152 14.98 -23.41 -8.30
CA SER A 152 14.10 -22.39 -7.76
C SER A 152 14.71 -20.98 -7.62
N THR A 153 16.05 -20.86 -7.70
CA THR A 153 16.74 -19.65 -7.28
C THR A 153 16.59 -18.53 -8.30
N ASP A 154 16.11 -18.86 -9.50
CA ASP A 154 15.87 -17.88 -10.52
C ASP A 154 14.52 -18.19 -11.25
N ALA A 155 14.36 -19.40 -11.78
CA ALA A 155 13.13 -19.75 -12.55
C ALA A 155 11.82 -19.62 -11.75
N VAL A 156 11.89 -19.84 -10.47
CA VAL A 156 10.74 -19.65 -9.60
C VAL A 156 10.79 -18.29 -8.85
N LEU A 157 11.97 -17.94 -8.34
CA LEU A 157 12.20 -16.69 -7.64
C LEU A 157 11.76 -15.47 -8.43
N THR A 158 12.14 -15.41 -9.69
CA THR A 158 11.83 -14.28 -10.48
C THR A 158 10.31 -14.02 -10.70
N PRO A 159 9.54 -14.99 -11.20
CA PRO A 159 8.08 -14.75 -11.26
C PRO A 159 7.43 -14.61 -9.88
N TYR A 160 7.93 -15.30 -8.86
CA TYR A 160 7.35 -15.14 -7.52
C TYR A 160 7.48 -13.65 -7.07
N HIS A 161 8.66 -13.07 -7.26
CA HIS A 161 8.92 -11.68 -6.90
C HIS A 161 7.98 -10.72 -7.60
N ALA A 162 7.73 -10.94 -8.89
CA ALA A 162 6.77 -10.13 -9.67
C ALA A 162 5.36 -10.29 -9.22
N ILE A 163 4.93 -11.53 -9.04
CA ILE A 163 3.55 -11.80 -8.57
C ILE A 163 3.25 -11.23 -7.17
N LYS A 164 4.19 -11.38 -6.24
CA LYS A 164 4.07 -10.79 -4.93
C LYS A 164 4.01 -9.27 -5.03
N MET A 165 4.87 -8.66 -5.84
CA MET A 165 4.86 -7.21 -6.00
C MET A 165 3.52 -6.76 -6.53
N ALA A 166 2.92 -7.51 -7.44
CA ALA A 166 1.62 -7.13 -7.96
C ALA A 166 0.48 -7.32 -6.98
N GLN A 167 0.73 -7.92 -5.83
CA GLN A 167 -0.29 -8.11 -4.78
C GLN A 167 -1.46 -8.94 -5.22
N VAL A 168 -1.15 -10.02 -5.91
CA VAL A 168 -2.15 -10.94 -6.43
C VAL A 168 -2.85 -11.66 -5.26
N SER A 169 -4.16 -11.85 -5.34
CA SER A 169 -4.94 -12.47 -4.30
C SER A 169 -5.97 -13.40 -4.93
N PRO A 170 -6.76 -14.10 -4.11
CA PRO A 170 -7.75 -14.97 -4.66
C PRO A 170 -8.84 -14.24 -5.42
N THR A 171 -8.97 -12.93 -5.31
CA THR A 171 -9.93 -12.23 -6.16
C THR A 171 -9.28 -11.68 -7.44
N SER A 172 -8.02 -11.97 -7.69
CA SER A 172 -7.35 -11.45 -8.88
C SER A 172 -7.77 -12.23 -10.12
N ASN A 173 -7.81 -11.54 -11.24
CA ASN A 173 -8.10 -12.08 -12.53
C ASN A 173 -6.95 -11.67 -13.47
N ILE A 174 -6.00 -12.56 -13.69
CA ILE A 174 -4.76 -12.15 -14.31
C ILE A 174 -4.55 -12.74 -15.67
N LEU A 175 -3.75 -12.01 -16.46
CA LEU A 175 -3.35 -12.43 -17.81
C LEU A 175 -1.87 -12.62 -17.81
N LEU A 176 -1.40 -13.80 -18.25
CA LEU A 176 0.03 -14.03 -18.41
C LEU A 176 0.30 -14.22 -19.94
N ILE A 177 1.28 -13.52 -20.48
CA ILE A 177 1.63 -13.64 -21.89
C ILE A 177 2.96 -14.33 -21.94
N GLY A 178 2.99 -15.56 -22.50
CA GLY A 178 4.26 -16.32 -22.62
C GLY A 178 4.46 -17.35 -21.53
N ALA A 179 4.22 -18.63 -21.90
CA ALA A 179 4.28 -19.70 -20.93
C ALA A 179 5.52 -20.59 -21.08
N GLY A 180 6.73 -20.03 -21.14
CA GLY A 180 7.98 -20.85 -21.18
C GLY A 180 8.56 -21.09 -19.82
N GLY A 181 9.88 -21.01 -19.72
CA GLY A 181 10.55 -21.31 -18.45
C GLY A 181 10.01 -20.55 -17.24
N LEU A 182 10.10 -19.21 -17.30
CA LEU A 182 9.55 -18.35 -16.22
C LEU A 182 8.02 -18.40 -16.23
N GLY A 183 7.40 -18.28 -17.41
CA GLY A 183 5.92 -18.21 -17.50
C GLY A 183 5.21 -19.42 -16.90
N GLY A 184 5.78 -20.59 -17.10
CA GLY A 184 5.15 -21.83 -16.60
C GLY A 184 5.22 -21.88 -15.11
N ASN A 185 6.36 -21.47 -14.53
CA ASN A 185 6.45 -21.36 -13.09
C ASN A 185 5.53 -20.27 -12.56
N ALA A 186 5.37 -19.19 -13.32
CA ALA A 186 4.47 -18.14 -12.91
C ALA A 186 3.06 -18.63 -12.78
N ILE A 187 2.67 -19.56 -13.66
CA ILE A 187 1.31 -20.13 -13.59
C ILE A 187 1.12 -20.79 -12.26
N GLN A 188 2.08 -21.59 -11.88
CA GLN A 188 1.94 -22.33 -10.63
C GLN A 188 1.98 -21.34 -9.43
N VAL A 189 2.84 -20.36 -9.48
CA VAL A 189 2.92 -19.41 -8.34
C VAL A 189 1.61 -18.65 -8.24
N ALA A 190 1.10 -18.19 -9.38
CA ALA A 190 -0.14 -17.42 -9.35
C ALA A 190 -1.31 -18.22 -8.83
N LYS A 191 -1.40 -19.49 -9.21
CA LYS A 191 -2.46 -20.35 -8.69
C LYS A 191 -2.30 -20.53 -7.22
N ALA A 192 -1.07 -20.61 -6.71
CA ALA A 192 -0.91 -20.74 -5.28
C ALA A 192 -1.40 -19.49 -4.53
N PHE A 193 -1.39 -18.32 -5.16
CA PHE A 193 -1.98 -17.12 -4.52
C PHE A 193 -3.50 -17.10 -4.66
N GLY A 194 -4.07 -18.05 -5.39
CA GLY A 194 -5.55 -18.21 -5.49
C GLY A 194 -6.12 -17.54 -6.71
N ALA A 195 -5.26 -16.95 -7.53
CA ALA A 195 -5.74 -16.20 -8.65
C ALA A 195 -6.38 -17.05 -9.72
N LYS A 196 -7.31 -16.46 -10.46
CA LYS A 196 -7.68 -16.97 -11.77
C LYS A 196 -6.58 -16.56 -12.78
N VAL A 197 -6.12 -17.50 -13.60
CA VAL A 197 -5.05 -17.28 -14.54
C VAL A 197 -5.43 -17.61 -15.98
N THR A 198 -5.31 -16.63 -16.87
CA THR A 198 -5.49 -16.79 -18.30
C THR A 198 -4.14 -16.61 -18.97
N VAL A 199 -3.78 -17.53 -19.87
CA VAL A 199 -2.49 -17.59 -20.52
C VAL A 199 -2.64 -17.39 -22.04
N LEU A 200 -1.78 -16.55 -22.61
CA LEU A 200 -1.65 -16.40 -24.06
C LEU A 200 -0.29 -16.88 -24.46
N ASP A 201 -0.23 -17.79 -25.44
CA ASP A 201 1.05 -18.18 -25.99
C ASP A 201 0.85 -18.58 -27.45
N LYS A 202 1.81 -18.23 -28.29
CA LYS A 202 1.72 -18.45 -29.74
C LYS A 202 2.01 -19.93 -30.08
N LYS A 203 2.70 -20.65 -29.20
CA LYS A 203 3.13 -22.05 -29.46
C LYS A 203 2.18 -23.05 -28.84
N LYS A 204 1.67 -23.95 -29.68
CA LYS A 204 0.71 -24.97 -29.27
C LYS A 204 1.20 -25.75 -28.10
N GLU A 205 2.47 -26.12 -28.09
CA GLU A 205 2.98 -26.98 -26.99
C GLU A 205 2.99 -26.25 -25.66
N ALA A 206 3.21 -24.93 -25.71
CA ALA A 206 3.25 -24.12 -24.47
C ALA A 206 1.83 -23.98 -23.98
N ARG A 207 0.88 -23.84 -24.89
CA ARG A 207 -0.49 -23.77 -24.47
C ARG A 207 -0.94 -25.05 -23.80
N ASP A 208 -0.52 -26.20 -24.35
CA ASP A 208 -0.84 -27.51 -23.76
C ASP A 208 -0.25 -27.64 -22.37
N GLN A 209 1.03 -27.33 -22.23
CA GLN A 209 1.67 -27.37 -20.94
C GLN A 209 0.96 -26.41 -19.92
N ALA A 210 0.57 -25.24 -20.39
CA ALA A 210 -0.08 -24.24 -19.52
C ALA A 210 -1.34 -24.79 -18.93
N LYS A 211 -2.12 -25.52 -19.74
CA LYS A 211 -3.31 -26.24 -19.22
C LYS A 211 -2.92 -27.19 -18.16
N LYS A 212 -1.88 -27.96 -18.39
CA LYS A 212 -1.49 -29.01 -17.43
C LYS A 212 -1.00 -28.42 -16.12
N LEU A 213 -0.43 -27.21 -16.16
CA LEU A 213 0.12 -26.59 -14.98
C LEU A 213 -0.93 -25.84 -14.16
N GLY A 214 -2.18 -25.80 -14.61
CA GLY A 214 -3.30 -25.25 -13.85
C GLY A 214 -3.98 -23.97 -14.37
N ALA A 215 -3.59 -23.44 -15.54
CA ALA A 215 -4.19 -22.23 -15.99
C ALA A 215 -5.69 -22.45 -16.10
N ASP A 216 -6.49 -21.44 -15.86
CA ASP A 216 -7.94 -21.56 -15.99
C ASP A 216 -8.41 -21.38 -17.41
N ALA A 217 -7.67 -20.61 -18.22
CA ALA A 217 -7.99 -20.48 -19.66
C ALA A 217 -6.72 -20.28 -20.39
N VAL A 218 -6.60 -20.93 -21.55
CA VAL A 218 -5.48 -20.71 -22.40
C VAL A 218 -5.84 -20.46 -23.85
N TYR A 219 -5.17 -19.50 -24.48
CA TYR A 219 -5.51 -19.03 -25.83
C TYR A 219 -4.30 -18.63 -26.60
N GLU A 220 -4.46 -18.62 -27.93
CA GLU A 220 -3.50 -18.09 -28.86
C GLU A 220 -3.71 -16.60 -28.99
N THR A 221 -4.97 -16.17 -29.09
CA THR A 221 -5.31 -14.76 -29.08
C THR A 221 -6.55 -14.70 -28.24
N LEU A 222 -6.74 -13.60 -27.56
CA LEU A 222 -7.90 -13.45 -26.71
C LEU A 222 -9.09 -13.32 -27.60
N PRO A 223 -10.13 -14.10 -27.33
CA PRO A 223 -11.36 -13.99 -28.10
C PRO A 223 -12.14 -12.73 -27.79
N GLU A 224 -13.03 -12.42 -28.71
CA GLU A 224 -13.77 -11.19 -28.71
C GLU A 224 -14.71 -11.11 -27.53
N SER A 225 -15.05 -12.25 -26.96
CA SER A 225 -15.87 -12.28 -25.78
C SER A 225 -15.15 -11.80 -24.50
N ILE A 226 -13.82 -11.76 -24.50
CA ILE A 226 -13.12 -11.18 -23.32
C ILE A 226 -13.25 -9.67 -23.43
N SER A 227 -13.84 -9.09 -22.44
CA SER A 227 -13.97 -7.66 -22.41
C SER A 227 -12.56 -6.92 -22.25
N PRO A 228 -12.33 -5.84 -23.00
CA PRO A 228 -11.19 -5.03 -22.60
C PRO A 228 -11.29 -4.57 -21.14
N GLY A 229 -10.18 -4.18 -20.52
CA GLY A 229 -10.27 -3.53 -19.19
C GLY A 229 -10.81 -4.46 -18.11
N SER A 230 -10.47 -5.73 -18.17
CA SER A 230 -11.07 -6.73 -17.26
C SER A 230 -10.07 -7.55 -16.40
N PHE A 231 -8.76 -7.42 -16.60
CA PHE A 231 -7.79 -8.12 -15.79
C PHE A 231 -7.14 -7.20 -14.73
N SER A 232 -7.00 -7.70 -13.52
CA SER A 232 -6.42 -6.90 -12.44
C SER A 232 -4.90 -6.79 -12.57
N ALA A 233 -4.27 -7.77 -13.20
CA ALA A 233 -2.87 -7.69 -13.49
C ALA A 233 -2.53 -8.43 -14.79
N CYS A 234 -1.57 -7.89 -15.52
CA CYS A 234 -1.06 -8.49 -16.74
C CYS A 234 0.43 -8.66 -16.59
N PHE A 235 0.91 -9.90 -16.65
CA PHE A 235 2.34 -10.19 -16.65
C PHE A 235 2.80 -10.56 -18.04
N ASP A 236 3.76 -9.83 -18.58
CA ASP A 236 4.21 -10.03 -20.00
C ASP A 236 5.61 -10.59 -19.98
N PHE A 237 5.69 -11.90 -20.23
CA PHE A 237 6.99 -12.58 -20.23
C PHE A 237 7.63 -12.50 -21.62
N VAL A 238 7.01 -11.81 -22.57
CA VAL A 238 7.68 -11.61 -23.88
C VAL A 238 8.19 -10.15 -24.01
N SER A 239 7.33 -9.17 -23.77
CA SER A 239 7.70 -7.76 -23.74
C SER A 239 8.24 -7.23 -25.10
N VAL A 240 7.42 -7.35 -26.15
CA VAL A 240 7.53 -6.57 -27.35
C VAL A 240 6.35 -5.68 -27.37
N GLN A 241 6.32 -4.74 -28.31
CA GLN A 241 5.31 -3.75 -28.32
C GLN A 241 3.94 -4.37 -28.44
N ALA A 242 3.78 -5.36 -29.30
CA ALA A 242 2.42 -5.94 -29.52
C ALA A 242 1.85 -6.58 -28.24
N THR A 243 2.70 -7.25 -27.49
CA THR A 243 2.26 -7.91 -26.26
C THR A 243 2.00 -6.86 -25.14
N PHE A 244 2.82 -5.81 -25.12
CA PHE A 244 2.55 -4.65 -24.22
C PHE A 244 1.19 -4.03 -24.51
N ASP A 245 0.86 -3.87 -25.78
CA ASP A 245 -0.41 -3.28 -26.16
C ASP A 245 -1.58 -4.13 -25.79
N VAL A 246 -1.42 -5.45 -25.87
CA VAL A 246 -2.48 -6.28 -25.30
C VAL A 246 -2.63 -6.10 -23.77
N CYS A 247 -1.52 -6.05 -23.04
CA CYS A 247 -1.60 -5.81 -21.60
C CYS A 247 -2.38 -4.50 -21.36
N GLN A 248 -2.06 -3.45 -22.12
CA GLN A 248 -2.67 -2.18 -21.88
C GLN A 248 -4.13 -2.15 -22.22
N LYS A 249 -4.54 -2.88 -23.26
CA LYS A 249 -5.93 -2.89 -23.62
C LYS A 249 -6.72 -3.72 -22.59
N TYR A 250 -6.17 -4.82 -22.10
CA TYR A 250 -6.94 -5.72 -21.27
C TYR A 250 -6.81 -5.52 -19.75
N VAL A 251 -5.84 -4.77 -19.31
CA VAL A 251 -5.78 -4.37 -17.87
C VAL A 251 -6.91 -3.47 -17.45
N GLU A 252 -7.49 -3.72 -16.28
CA GLU A 252 -8.51 -2.89 -15.66
C GLU A 252 -8.00 -1.57 -15.13
N PRO A 253 -8.93 -0.68 -14.78
CA PRO A 253 -8.53 0.59 -14.20
C PRO A 253 -7.91 0.34 -12.88
N LYS A 254 -6.82 1.05 -12.58
CA LYS A 254 -6.01 0.85 -11.39
C LYS A 254 -5.27 -0.45 -11.39
N GLY A 255 -5.30 -1.20 -12.50
CA GLY A 255 -4.59 -2.45 -12.55
C GLY A 255 -3.12 -2.27 -12.87
N VAL A 256 -2.41 -3.39 -12.93
CA VAL A 256 -0.96 -3.33 -13.08
C VAL A 256 -0.47 -4.13 -14.30
N ILE A 257 0.50 -3.55 -14.99
CA ILE A 257 1.22 -4.25 -16.08
C ILE A 257 2.62 -4.48 -15.61
N MET A 258 3.04 -5.74 -15.63
CA MET A 258 4.40 -6.08 -15.21
C MET A 258 5.18 -6.60 -16.49
N PRO A 259 6.02 -5.78 -17.05
CA PRO A 259 6.78 -6.24 -18.23
C PRO A 259 8.05 -7.00 -17.84
N VAL A 260 7.94 -8.33 -17.69
CA VAL A 260 8.98 -9.12 -16.99
C VAL A 260 9.93 -9.68 -18.01
N GLY A 261 9.46 -9.89 -19.22
CA GLY A 261 10.34 -10.20 -20.33
C GLY A 261 11.25 -9.10 -20.83
N LEU A 262 12.14 -9.47 -21.73
CA LEU A 262 13.09 -8.52 -22.28
C LEU A 262 13.14 -8.57 -23.81
N GLY A 263 11.99 -8.44 -24.48
CA GLY A 263 11.93 -8.65 -25.92
C GLY A 263 12.20 -7.42 -26.77
N ALA A 264 12.17 -6.23 -26.18
CA ALA A 264 12.55 -4.99 -26.86
C ALA A 264 13.25 -4.06 -25.89
N PRO A 265 14.13 -3.22 -26.40
CA PRO A 265 14.87 -2.34 -25.50
C PRO A 265 13.98 -1.24 -24.89
N ASN A 266 12.92 -0.86 -25.59
CA ASN A 266 12.01 0.21 -25.19
C ASN A 266 10.59 -0.25 -25.48
N LEU A 267 9.63 0.22 -24.72
CA LEU A 267 8.20 -0.03 -25.03
C LEU A 267 7.46 1.27 -24.83
N SER A 268 6.38 1.45 -25.59
CA SER A 268 5.51 2.64 -25.48
C SER A 268 4.20 2.33 -24.84
N PHE A 269 3.69 3.29 -24.11
CA PHE A 269 2.35 3.23 -23.61
C PHE A 269 1.57 4.39 -24.08
N ASN A 270 0.24 4.21 -24.16
CA ASN A 270 -0.70 5.26 -24.47
C ASN A 270 -0.91 6.11 -23.18
N LEU A 271 -0.58 7.39 -23.25
CA LEU A 271 -0.48 8.22 -22.02
C LEU A 271 -1.87 8.59 -21.51
N GLY A 272 -2.76 8.99 -22.41
CA GLY A 272 -4.11 9.35 -22.02
C GLY A 272 -4.78 8.22 -21.33
N ASP A 273 -4.57 7.00 -21.85
CA ASP A 273 -5.17 5.81 -21.23
C ASP A 273 -4.53 5.50 -19.86
N LEU A 274 -3.21 5.56 -19.77
CA LEU A 274 -2.58 5.25 -18.53
C LEU A 274 -3.00 6.20 -17.42
N ALA A 275 -3.05 7.49 -17.77
CA ALA A 275 -3.45 8.52 -16.82
C ALA A 275 -4.93 8.37 -16.39
N LEU A 276 -5.82 8.37 -17.36
CA LEU A 276 -7.25 8.32 -17.10
C LEU A 276 -7.69 7.12 -16.30
N ARG A 277 -7.07 5.95 -16.56
CA ARG A 277 -7.48 4.77 -15.89
C ARG A 277 -6.52 4.39 -14.76
N GLU A 278 -5.55 5.25 -14.50
CA GLU A 278 -4.56 5.10 -13.43
C GLU A 278 -3.92 3.72 -13.49
N ILE A 279 -3.39 3.37 -14.66
CA ILE A 279 -2.68 2.11 -14.83
C ILE A 279 -1.30 2.28 -14.27
N ARG A 280 -0.75 1.19 -13.78
CA ARG A 280 0.57 1.23 -13.18
C ARG A 280 1.41 0.27 -13.93
N ILE A 281 2.67 0.63 -14.18
CA ILE A 281 3.62 -0.25 -14.82
C ILE A 281 4.71 -0.40 -13.80
N LEU A 282 5.01 -1.65 -13.38
CA LEU A 282 6.00 -1.89 -12.38
C LEU A 282 7.16 -2.73 -12.90
N GLY A 283 8.38 -2.22 -12.80
CA GLY A 283 9.56 -3.06 -13.05
C GLY A 283 9.85 -4.03 -11.93
N SER A 284 10.37 -5.19 -12.32
CA SER A 284 10.69 -6.30 -11.41
C SER A 284 11.99 -7.00 -11.82
N PHE A 285 12.88 -7.22 -10.88
CA PHE A 285 14.21 -7.80 -11.16
C PHE A 285 14.59 -8.86 -10.17
N TRP A 286 14.73 -10.08 -10.66
CA TRP A 286 15.16 -11.25 -9.87
C TRP A 286 14.30 -11.40 -8.63
N GLY A 287 14.92 -11.49 -7.46
CA GLY A 287 14.22 -11.46 -6.23
C GLY A 287 15.13 -11.26 -5.04
N THR A 288 14.46 -11.13 -3.92
CA THR A 288 15.09 -10.76 -2.68
C THR A 288 15.35 -12.03 -1.88
N THR A 289 16.17 -11.89 -0.84
CA THR A 289 16.47 -13.00 0.09
C THR A 289 15.21 -13.53 0.72
N ASN A 290 14.39 -12.63 1.25
CA ASN A 290 13.12 -13.10 1.86
C ASN A 290 12.20 -13.78 0.86
N ASP A 291 12.25 -13.35 -0.40
CA ASP A 291 11.41 -13.96 -1.44
C ASP A 291 11.88 -15.40 -1.62
N LEU A 292 13.19 -15.61 -1.55
CA LEU A 292 13.69 -16.97 -1.74
C LEU A 292 13.22 -17.88 -0.60
N ASP A 293 13.28 -17.41 0.65
CA ASP A 293 12.67 -18.16 1.77
C ASP A 293 11.22 -18.53 1.43
N ASP A 294 10.43 -17.57 0.95
CA ASP A 294 9.04 -17.84 0.57
C ASP A 294 8.95 -18.90 -0.52
N VAL A 295 9.80 -18.79 -1.53
CA VAL A 295 9.73 -19.69 -2.63
C VAL A 295 10.01 -21.14 -2.17
N LEU A 296 10.98 -21.29 -1.28
CA LEU A 296 11.42 -22.60 -0.88
C LEU A 296 10.34 -23.19 -0.01
N LYS A 297 9.60 -22.35 0.70
CA LYS A 297 8.44 -22.81 1.47
C LYS A 297 7.34 -23.30 0.56
N LEU A 298 7.03 -22.53 -0.48
CA LEU A 298 6.03 -23.01 -1.44
C LEU A 298 6.43 -24.35 -2.08
N VAL A 299 7.70 -24.47 -2.43
CA VAL A 299 8.20 -25.69 -3.05
C VAL A 299 8.10 -26.82 -2.05
N SER A 300 8.45 -26.52 -0.81
CA SER A 300 8.42 -27.49 0.27
C SER A 300 7.05 -28.05 0.47
N GLU A 301 6.05 -27.18 0.38
CA GLU A 301 4.67 -27.56 0.60
C GLU A 301 4.00 -28.14 -0.62
N GLY A 302 4.75 -28.38 -1.69
CA GLY A 302 4.20 -28.93 -2.90
C GLY A 302 3.41 -28.00 -3.79
N LYS A 303 3.30 -26.72 -3.45
CA LYS A 303 2.50 -25.76 -4.26
C LYS A 303 3.16 -25.40 -5.59
N VAL A 304 4.48 -25.54 -5.68
CA VAL A 304 5.15 -25.24 -6.91
C VAL A 304 6.13 -26.38 -7.10
N LYS A 305 6.17 -26.94 -8.31
CA LYS A 305 7.08 -28.07 -8.62
C LYS A 305 7.87 -27.71 -9.84
N PRO A 306 9.07 -27.17 -9.65
CA PRO A 306 9.88 -26.80 -10.79
C PRO A 306 10.32 -28.03 -11.59
N VAL A 307 10.44 -27.90 -12.92
CA VAL A 307 10.93 -28.99 -13.77
C VAL A 307 12.46 -28.98 -13.89
N VAL A 308 13.09 -30.07 -13.49
CA VAL A 308 14.56 -30.13 -13.42
C VAL A 308 15.13 -31.50 -13.80
N ARG A 309 16.14 -31.50 -14.67
CA ARG A 309 16.97 -32.69 -14.95
C ARG A 309 18.42 -32.44 -14.48
N SER A 310 19.06 -33.47 -13.91
CA SER A 310 20.44 -33.37 -13.35
C SER A 310 21.53 -33.93 -14.26
N ALA A 311 22.76 -33.42 -14.13
CA ALA A 311 23.94 -33.95 -14.81
C ALA A 311 25.19 -33.59 -14.03
N LYS A 312 26.32 -34.20 -14.39
CA LYS A 312 27.59 -33.91 -13.71
C LYS A 312 28.14 -32.59 -14.22
N LEU A 313 28.75 -31.81 -13.34
CA LEU A 313 29.25 -30.48 -13.71
C LEU A 313 30.22 -30.53 -14.90
N LYS A 314 31.06 -31.56 -14.96
CA LYS A 314 31.94 -31.74 -16.14
C LYS A 314 31.21 -31.75 -17.50
N GLU A 315 29.96 -32.19 -17.53
CA GLU A 315 29.16 -32.16 -18.76
C GLU A 315 28.73 -30.75 -19.20
N LEU A 316 29.04 -29.72 -18.40
CA LEU A 316 28.46 -28.40 -18.63
C LEU A 316 28.65 -27.89 -20.06
N PRO A 317 29.89 -27.99 -20.63
CA PRO A 317 30.05 -27.45 -22.00
C PRO A 317 29.09 -28.08 -23.05
N GLU A 318 28.75 -29.37 -22.88
CA GLU A 318 27.85 -30.04 -23.81
C GLU A 318 26.43 -29.46 -23.70
N TYR A 319 25.99 -29.18 -22.49
CA TYR A 319 24.66 -28.62 -22.32
C TYR A 319 24.57 -27.15 -22.71
N ILE A 320 25.68 -26.42 -22.54
CA ILE A 320 25.69 -25.01 -22.99
C ILE A 320 25.39 -24.96 -24.50
N GLU A 321 26.06 -25.80 -25.29
CA GLU A 321 25.83 -25.84 -26.76
C GLU A 321 24.40 -26.24 -27.09
N LYS A 322 23.88 -27.27 -26.41
CA LYS A 322 22.49 -27.68 -26.53
C LYS A 322 21.45 -26.54 -26.35
N LEU A 323 21.61 -25.75 -25.27
CA LEU A 323 20.69 -24.66 -24.95
C LEU A 323 20.79 -23.55 -26.00
N ARG A 324 22.03 -23.27 -26.42
CA ARG A 324 22.30 -22.32 -27.50
C ARG A 324 21.51 -22.64 -28.79
N ASN A 325 21.29 -23.93 -29.04
CA ASN A 325 20.51 -24.38 -30.18
C ASN A 325 19.07 -24.81 -29.81
N ASN A 326 18.64 -24.48 -28.59
CA ASN A 326 17.24 -24.71 -28.15
C ASN A 326 16.83 -26.19 -28.26
N VAL A 332 18.09 -27.49 -16.47
CA VAL A 332 19.13 -28.47 -16.11
C VAL A 332 20.02 -27.93 -15.00
N VAL A 333 20.29 -28.80 -14.02
CA VAL A 333 21.23 -28.47 -12.97
C VAL A 333 22.38 -29.47 -12.94
N PHE A 334 23.49 -29.04 -12.33
CA PHE A 334 24.72 -29.80 -12.29
C PHE A 334 25.22 -30.10 -10.89
N ASN A 335 25.64 -31.36 -10.67
CA ASN A 335 26.25 -31.81 -9.42
C ASN A 335 27.77 -31.84 -9.57
N PRO A 336 28.48 -30.98 -8.82
CA PRO A 336 29.93 -31.03 -8.93
C PRO A 336 30.43 -32.32 -8.22
N SER B 2 -33.93 38.03 -8.26
CA SER B 2 -33.81 36.63 -7.76
C SER B 2 -32.94 35.83 -8.75
N ILE B 3 -33.42 34.75 -9.35
CA ILE B 3 -32.65 33.94 -10.31
C ILE B 3 -33.23 34.13 -11.69
N PRO B 4 -32.45 34.56 -12.66
CA PRO B 4 -33.00 34.76 -13.98
C PRO B 4 -33.38 33.44 -14.65
N SER B 5 -34.09 33.51 -15.77
CA SER B 5 -34.57 32.32 -16.47
C SER B 5 -33.70 32.04 -17.66
N SER B 6 -32.94 33.03 -18.09
CA SER B 6 -31.88 32.88 -19.07
C SER B 6 -30.53 33.39 -18.58
N GLN B 7 -29.47 33.05 -19.31
CA GLN B 7 -28.13 33.44 -18.89
C GLN B 7 -27.21 33.33 -20.07
N TYR B 8 -25.95 33.73 -19.88
CA TYR B 8 -24.94 33.57 -20.90
C TYR B 8 -23.89 32.51 -20.52
N GLY B 9 -23.18 31.98 -21.52
CA GLY B 9 -22.08 31.08 -21.29
C GLY B 9 -21.36 30.64 -22.53
N PHE B 10 -20.27 29.92 -22.36
CA PHE B 10 -19.46 29.42 -23.45
C PHE B 10 -19.66 27.91 -23.64
N VAL B 11 -20.26 27.56 -24.78
CA VAL B 11 -20.57 26.19 -25.21
C VAL B 11 -19.56 25.71 -26.24
N PHE B 12 -19.11 24.46 -26.10
CA PHE B 12 -18.28 23.80 -27.09
C PHE B 12 -19.07 22.84 -27.99
N ASN B 13 -18.78 22.89 -29.30
CA ASN B 13 -19.35 21.91 -30.28
C ASN B 13 -18.25 21.53 -31.22
N LYS B 14 -18.21 20.26 -31.59
CA LYS B 14 -17.15 19.76 -32.47
C LYS B 14 -17.14 20.51 -33.80
N GLN B 15 -18.31 20.98 -34.24
CA GLN B 15 -18.42 21.66 -35.54
C GLN B 15 -17.84 23.08 -35.55
N SER B 16 -17.96 23.80 -34.43
CA SER B 16 -17.66 25.23 -34.43
C SER B 16 -16.91 25.76 -33.20
N GLY B 17 -16.25 24.89 -32.45
CA GLY B 17 -15.40 25.28 -31.31
C GLY B 17 -16.17 25.82 -30.13
N LEU B 18 -15.52 26.68 -29.35
CA LEU B 18 -16.12 27.28 -28.15
C LEU B 18 -16.73 28.62 -28.52
N ASN B 19 -18.02 28.80 -28.26
CA ASN B 19 -18.75 30.03 -28.62
C ASN B 19 -19.59 30.58 -27.51
N LEU B 20 -19.60 31.90 -27.39
CA LEU B 20 -20.49 32.60 -26.50
C LEU B 20 -21.93 32.38 -26.91
N ARG B 21 -22.80 32.12 -25.93
CA ARG B 21 -24.24 32.01 -26.17
C ARG B 21 -24.93 32.85 -25.11
N ASN B 22 -25.88 33.68 -25.50
CA ASN B 22 -26.64 34.54 -24.54
C ASN B 22 -28.03 34.07 -24.27
N ASP B 23 -28.36 32.90 -24.80
CA ASP B 23 -29.70 32.34 -24.62
C ASP B 23 -29.68 30.95 -23.99
N LEU B 24 -28.84 30.76 -22.97
CA LEU B 24 -28.79 29.51 -22.26
C LEU B 24 -29.88 29.44 -21.23
N PRO B 25 -30.44 28.25 -21.02
CA PRO B 25 -31.40 28.11 -19.97
C PRO B 25 -30.77 28.08 -18.56
N VAL B 26 -31.61 28.36 -17.57
CA VAL B 26 -31.31 28.17 -16.17
C VAL B 26 -32.27 27.15 -15.64
N HIS B 27 -31.76 25.98 -15.19
CA HIS B 27 -32.62 24.86 -14.86
C HIS B 27 -33.09 24.95 -13.44
N LYS B 28 -34.28 24.43 -13.17
CA LYS B 28 -34.87 24.36 -11.86
C LYS B 28 -34.47 22.99 -11.38
N PRO B 29 -33.84 22.90 -10.20
CA PRO B 29 -33.47 21.60 -9.75
C PRO B 29 -34.64 20.64 -9.48
N LYS B 30 -34.47 19.37 -9.79
CA LYS B 30 -35.35 18.32 -9.29
C LYS B 30 -34.95 17.94 -7.88
N ALA B 31 -35.72 17.03 -7.34
CA ALA B 31 -35.66 16.70 -5.93
C ALA B 31 -34.25 16.58 -5.35
N GLY B 32 -33.41 15.79 -5.98
CA GLY B 32 -32.07 15.51 -5.45
C GLY B 32 -30.95 16.39 -6.00
N GLN B 33 -31.28 17.50 -6.64
CA GLN B 33 -30.31 18.33 -7.37
C GLN B 33 -30.20 19.67 -6.73
N LEU B 34 -29.21 20.45 -7.18
CA LEU B 34 -29.14 21.85 -6.82
C LEU B 34 -28.65 22.70 -7.93
N LEU B 35 -28.89 24.01 -7.79
CA LEU B 35 -28.43 24.99 -8.73
C LEU B 35 -27.33 25.80 -8.07
N LEU B 36 -26.21 25.89 -8.77
CA LEU B 36 -25.04 26.62 -8.28
C LEU B 36 -24.88 27.89 -9.04
N LYS B 37 -24.81 28.99 -8.34
CA LYS B 37 -24.43 30.25 -8.98
C LYS B 37 -22.89 30.26 -9.05
N VAL B 38 -22.34 30.37 -10.24
CA VAL B 38 -20.89 30.29 -10.40
C VAL B 38 -20.23 31.62 -9.96
N ASP B 39 -19.29 31.57 -8.99
CA ASP B 39 -18.51 32.76 -8.54
C ASP B 39 -17.14 32.84 -9.24
N ALA B 40 -16.53 31.68 -9.56
CA ALA B 40 -15.23 31.70 -10.24
C ALA B 40 -15.09 30.39 -10.94
N VAL B 41 -14.44 30.43 -12.09
CA VAL B 41 -14.21 29.24 -12.89
C VAL B 41 -12.85 29.39 -13.56
N GLY B 42 -12.03 28.35 -13.43
CA GLY B 42 -10.61 28.37 -13.87
C GLY B 42 -10.50 27.89 -15.30
N LEU B 43 -9.39 28.24 -15.96
CA LEU B 43 -9.05 27.80 -17.28
C LEU B 43 -7.82 26.98 -17.16
N CYS B 44 -7.77 25.87 -17.90
CA CYS B 44 -6.78 24.82 -17.67
C CYS B 44 -6.26 24.60 -18.98
N HIS B 45 -5.04 24.16 -18.98
CA HIS B 45 -4.43 23.74 -20.22
C HIS B 45 -5.19 22.61 -20.87
N SER B 46 -5.91 21.79 -20.08
CA SER B 46 -6.78 20.73 -20.64
C SER B 46 -7.92 21.24 -21.52
N ASP B 47 -8.39 22.48 -21.31
CA ASP B 47 -9.43 23.04 -22.22
C ASP B 47 -8.84 23.19 -23.66
N LEU B 48 -7.56 23.52 -23.75
CA LEU B 48 -6.88 23.64 -25.05
C LEU B 48 -6.82 22.31 -25.75
N HIS B 49 -6.50 21.23 -25.02
CA HIS B 49 -6.42 19.91 -25.67
C HIS B 49 -7.77 19.62 -26.28
N VAL B 50 -8.84 20.09 -25.65
CA VAL B 50 -10.22 19.84 -26.16
C VAL B 50 -10.66 20.65 -27.37
N ILE B 51 -10.31 21.93 -27.32
CA ILE B 51 -10.65 22.89 -28.37
C ILE B 51 -9.79 22.66 -29.64
N TYR B 52 -8.49 22.43 -29.45
CA TYR B 52 -7.48 22.43 -30.51
C TYR B 52 -6.83 21.09 -30.87
N GLU B 53 -6.97 20.05 -30.03
CA GLU B 53 -6.31 18.77 -30.29
C GLU B 53 -7.30 17.66 -30.44
N GLY B 54 -8.61 17.98 -30.52
CA GLY B 54 -9.62 16.96 -30.69
C GLY B 54 -9.64 15.98 -29.53
N LEU B 55 -9.00 16.28 -28.39
CA LEU B 55 -9.23 15.42 -27.19
C LEU B 55 -10.73 15.36 -26.91
N ASP B 56 -11.31 14.21 -27.14
CA ASP B 56 -12.73 14.11 -27.25
C ASP B 56 -13.34 13.81 -25.87
N CYS B 57 -14.21 14.69 -25.36
CA CYS B 57 -14.92 14.50 -24.10
C CYS B 57 -16.41 14.50 -24.31
N GLY B 58 -16.83 14.49 -25.55
CA GLY B 58 -18.28 14.61 -25.86
C GLY B 58 -18.39 15.80 -26.79
N ASP B 59 -19.60 16.30 -26.97
CA ASP B 59 -19.91 17.43 -27.81
C ASP B 59 -21.05 18.16 -27.11
N ASN B 60 -21.09 19.47 -27.32
CA ASN B 60 -22.25 20.30 -27.01
C ASN B 60 -22.55 20.51 -25.50
N TYR B 61 -21.59 21.05 -24.78
CA TYR B 61 -21.73 21.28 -23.33
C TYR B 61 -21.05 22.60 -23.00
N VAL B 62 -21.46 23.24 -21.90
CA VAL B 62 -20.74 24.40 -21.35
C VAL B 62 -19.44 23.93 -20.77
N MET B 63 -18.32 24.53 -21.21
CA MET B 63 -17.03 24.17 -20.67
C MET B 63 -16.75 24.84 -19.33
N GLY B 64 -15.58 24.58 -18.79
CA GLY B 64 -15.14 25.13 -17.50
C GLY B 64 -15.22 24.11 -16.41
N HIS B 65 -14.08 23.60 -15.99
CA HIS B 65 -14.11 22.38 -15.13
C HIS B 65 -13.46 22.60 -13.77
N GLU B 66 -13.14 23.85 -13.48
CA GLU B 66 -12.56 24.27 -12.24
CA GLU B 66 -12.59 24.27 -12.24
C GLU B 66 -13.54 25.31 -11.65
N ILE B 67 -14.49 24.84 -10.82
CA ILE B 67 -15.67 25.61 -10.48
C ILE B 67 -15.87 25.82 -8.96
N ALA B 68 -16.11 27.07 -8.61
CA ALA B 68 -16.46 27.47 -7.27
C ALA B 68 -17.71 28.38 -7.32
N GLY B 69 -18.60 28.18 -6.41
CA GLY B 69 -19.82 28.99 -6.42
C GLY B 69 -20.57 28.95 -5.13
N THR B 70 -21.81 29.40 -5.22
CA THR B 70 -22.72 29.51 -4.12
C THR B 70 -24.09 28.90 -4.50
N VAL B 71 -24.59 28.03 -3.65
CA VAL B 71 -25.80 27.31 -3.87
C VAL B 71 -26.92 28.36 -3.98
N ALA B 72 -27.62 28.33 -5.09
CA ALA B 72 -28.67 29.32 -5.39
C ALA B 72 -30.06 28.74 -5.14
N ALA B 73 -30.24 27.44 -5.37
CA ALA B 73 -31.52 26.80 -5.05
C ALA B 73 -31.23 25.31 -4.90
N VAL B 74 -32.04 24.66 -4.08
CA VAL B 74 -31.94 23.24 -3.86
C VAL B 74 -33.27 22.58 -4.11
N GLY B 75 -33.21 21.32 -4.50
CA GLY B 75 -34.41 20.49 -4.76
C GLY B 75 -34.94 19.97 -3.45
N ASP B 76 -36.13 19.36 -3.50
CA ASP B 76 -36.82 19.01 -2.29
C ASP B 76 -36.02 18.13 -1.37
N ASP B 77 -35.36 17.12 -1.89
CA ASP B 77 -34.84 16.10 -0.97
C ASP B 77 -33.43 16.42 -0.49
N VAL B 78 -32.92 17.64 -0.72
CA VAL B 78 -31.52 17.96 -0.43
C VAL B 78 -31.45 18.61 0.95
N ILE B 79 -30.69 17.97 1.82
CA ILE B 79 -30.56 18.43 3.22
C ILE B 79 -29.12 18.82 3.60
N ASN B 80 -28.13 18.29 2.88
CA ASN B 80 -26.73 18.59 3.13
C ASN B 80 -26.29 19.98 2.72
N TYR B 81 -27.07 20.63 1.84
CA TYR B 81 -26.72 21.93 1.40
C TYR B 81 -27.92 22.79 1.50
N LYS B 82 -27.67 24.08 1.64
CA LYS B 82 -28.71 25.06 1.60
C LYS B 82 -28.24 26.26 0.81
N VAL B 83 -29.21 27.05 0.40
CA VAL B 83 -28.97 28.25 -0.33
C VAL B 83 -27.96 29.12 0.45
N GLY B 84 -27.00 29.71 -0.25
CA GLY B 84 -25.92 30.43 0.39
C GLY B 84 -24.65 29.61 0.74
N ASP B 85 -24.71 28.28 0.76
CA ASP B 85 -23.47 27.48 0.96
C ASP B 85 -22.48 27.69 -0.18
N ARG B 86 -21.21 27.87 0.17
CA ARG B 86 -20.15 28.03 -0.84
C ARG B 86 -19.49 26.64 -1.05
N VAL B 87 -19.42 26.22 -2.30
CA VAL B 87 -19.01 24.88 -2.65
C VAL B 87 -18.18 24.90 -3.90
N ALA B 88 -17.31 23.91 -4.01
CA ALA B 88 -16.49 23.73 -5.19
C ALA B 88 -16.84 22.37 -5.76
N CYS B 89 -16.75 22.26 -7.07
CA CYS B 89 -17.18 21.02 -7.76
C CYS B 89 -16.02 20.05 -7.86
N VAL B 90 -16.31 18.78 -7.63
CA VAL B 90 -15.40 17.69 -7.89
C VAL B 90 -15.59 17.27 -9.35
N GLY B 91 -14.66 17.73 -10.18
CA GLY B 91 -14.70 17.57 -11.63
C GLY B 91 -15.13 16.25 -12.18
N PRO B 92 -14.57 15.16 -11.66
CA PRO B 92 -14.90 13.84 -12.29
C PRO B 92 -16.35 13.45 -12.10
N ASN B 93 -17.04 14.12 -11.18
CA ASN B 93 -18.52 13.99 -11.10
C ASN B 93 -18.90 12.50 -11.03
N GLY B 94 -18.29 11.69 -10.16
CA GLY B 94 -18.56 10.22 -10.07
C GLY B 94 -20.02 9.88 -9.78
N CYS B 95 -20.46 8.69 -10.21
CA CYS B 95 -21.85 8.24 -9.98
C CYS B 95 -22.19 7.99 -8.52
N GLY B 96 -21.23 7.65 -7.68
CA GLY B 96 -21.51 7.39 -6.26
C GLY B 96 -21.88 5.94 -5.90
N GLY B 97 -22.22 5.13 -6.92
CA GLY B 97 -22.81 3.82 -6.68
C GLY B 97 -22.02 2.61 -7.15
N CYS B 98 -20.97 2.83 -7.93
CA CYS B 98 -20.20 1.74 -8.50
C CYS B 98 -19.07 1.35 -7.56
N LYS B 99 -18.34 0.30 -7.93
CA LYS B 99 -17.24 -0.20 -7.09
C LYS B 99 -16.10 0.80 -6.99
N TYR B 100 -15.86 1.57 -8.05
CA TYR B 100 -14.80 2.58 -7.97
C TYR B 100 -15.18 3.67 -7.01
N CYS B 101 -16.43 4.15 -7.10
CA CYS B 101 -16.91 5.22 -6.22
C CYS B 101 -17.02 4.77 -4.75
N ARG B 102 -17.25 3.49 -4.49
CA ARG B 102 -17.49 3.01 -3.12
C ARG B 102 -16.39 2.59 -2.08
N GLY B 103 -15.16 2.22 -2.39
CA GLY B 103 -14.38 2.52 -3.56
C GLY B 103 -13.13 3.34 -3.11
N ALA B 104 -13.39 4.59 -2.72
CA ALA B 104 -12.38 5.64 -2.54
C ALA B 104 -11.71 6.14 -3.84
N ILE B 105 -12.24 5.73 -4.99
CA ILE B 105 -11.63 6.12 -6.23
C ILE B 105 -12.72 6.58 -7.19
N ASP B 106 -13.44 7.63 -6.75
CA ASP B 106 -14.53 8.17 -7.57
C ASP B 106 -14.03 8.93 -8.77
N ASN B 107 -12.72 9.16 -8.83
CA ASN B 107 -12.15 9.78 -10.03
C ASN B 107 -12.09 8.89 -11.27
N VAL B 108 -12.16 7.57 -11.09
CA VAL B 108 -12.06 6.67 -12.23
C VAL B 108 -13.38 5.92 -12.42
N CYS B 109 -14.47 6.52 -11.97
CA CYS B 109 -15.79 6.04 -12.26
C CYS B 109 -16.06 5.81 -13.75
N LYS B 110 -16.34 4.56 -14.13
CA LYS B 110 -16.71 4.23 -15.54
C LYS B 110 -18.01 4.86 -15.95
N ASN B 111 -18.99 4.88 -15.08
CA ASN B 111 -20.27 5.52 -15.41
C ASN B 111 -20.21 7.00 -15.77
N ALA B 112 -19.16 7.68 -15.35
CA ALA B 112 -19.13 9.12 -15.46
C ALA B 112 -18.23 9.56 -16.61
N PHE B 113 -17.69 8.60 -17.36
CA PHE B 113 -16.92 8.93 -18.56
C PHE B 113 -17.80 9.71 -19.49
N GLY B 114 -17.31 10.84 -19.99
CA GLY B 114 -18.16 11.75 -20.78
C GLY B 114 -19.13 12.61 -19.97
N ASP B 115 -19.11 12.55 -18.62
CA ASP B 115 -20.09 13.31 -17.83
C ASP B 115 -19.40 14.21 -16.76
N TRP B 116 -18.13 14.56 -17.02
CA TRP B 116 -17.35 15.36 -16.06
C TRP B 116 -17.76 16.80 -16.21
N PHE B 117 -17.75 17.54 -15.10
CA PHE B 117 -18.07 18.98 -15.14
C PHE B 117 -17.19 19.70 -16.16
N GLY B 118 -17.83 20.34 -17.14
CA GLY B 118 -17.16 21.14 -18.16
C GLY B 118 -16.38 20.33 -19.18
N LEU B 119 -16.51 19.01 -19.15
CA LEU B 119 -15.83 18.12 -20.06
C LEU B 119 -16.81 16.91 -20.39
N GLY B 120 -17.95 17.24 -20.97
CA GLY B 120 -18.99 16.26 -21.33
C GLY B 120 -20.32 16.71 -20.76
N TYR B 121 -20.34 17.00 -19.46
CA TYR B 121 -21.46 17.61 -18.79
C TYR B 121 -21.11 19.09 -18.64
N ASP B 122 -22.13 19.90 -18.45
CA ASP B 122 -21.98 21.34 -18.33
C ASP B 122 -21.17 21.72 -17.13
N GLY B 123 -20.41 22.81 -17.33
CA GLY B 123 -19.46 23.26 -16.34
C GLY B 123 -19.68 24.72 -16.04
N GLY B 124 -18.57 25.40 -15.78
CA GLY B 124 -18.59 26.66 -15.06
C GLY B 124 -18.48 27.91 -15.94
N TYR B 125 -18.27 27.77 -17.25
CA TYR B 125 -18.24 28.96 -18.12
C TYR B 125 -19.66 29.50 -18.40
N GLN B 126 -20.39 29.81 -17.34
CA GLN B 126 -21.79 30.29 -17.37
C GLN B 126 -22.12 30.84 -16.01
N GLN B 127 -23.32 31.36 -15.84
CA GLN B 127 -23.70 32.00 -14.61
C GLN B 127 -24.31 31.07 -13.57
N TYR B 128 -25.02 30.04 -14.03
CA TYR B 128 -25.74 29.14 -13.13
C TYR B 128 -25.59 27.74 -13.63
N LEU B 129 -25.08 26.85 -12.79
CA LEU B 129 -24.84 25.47 -13.16
C LEU B 129 -25.78 24.55 -12.41
N LEU B 130 -26.44 23.65 -13.13
CA LEU B 130 -27.26 22.62 -12.48
C LEU B 130 -26.36 21.46 -12.08
N VAL B 131 -26.33 21.15 -10.78
CA VAL B 131 -25.59 20.04 -10.26
C VAL B 131 -26.53 18.87 -10.04
N THR B 132 -26.39 17.85 -10.89
CA THR B 132 -27.22 16.66 -10.81
C THR B 132 -26.83 15.76 -9.66
N ARG B 133 -25.56 15.77 -9.28
CA ARG B 133 -25.11 14.91 -8.18
C ARG B 133 -24.39 15.74 -7.13
N PRO B 134 -25.13 16.22 -6.14
CA PRO B 134 -24.50 17.07 -5.10
C PRO B 134 -23.50 16.34 -4.22
N ARG B 135 -23.41 15.01 -4.25
CA ARG B 135 -22.30 14.35 -3.59
C ARG B 135 -20.95 14.89 -4.09
N ASN B 136 -20.88 15.30 -5.35
CA ASN B 136 -19.63 15.74 -5.99
C ASN B 136 -19.34 17.24 -5.77
N LEU B 137 -19.49 17.66 -4.51
CA LEU B 137 -19.26 19.03 -4.09
C LEU B 137 -18.42 18.99 -2.85
N SER B 138 -17.62 20.02 -2.66
CA SER B 138 -16.86 20.16 -1.41
C SER B 138 -17.05 21.59 -0.86
N ARG B 139 -17.34 21.70 0.42
CA ARG B 139 -17.62 22.98 1.07
C ARG B 139 -16.36 23.80 1.09
N ILE B 140 -16.43 25.05 0.62
CA ILE B 140 -15.29 25.95 0.63
C ILE B 140 -15.17 26.54 2.05
N PRO B 141 -14.00 26.41 2.69
CA PRO B 141 -13.91 27.06 4.01
C PRO B 141 -14.08 28.59 3.97
N ASP B 142 -14.54 29.15 5.09
CA ASP B 142 -14.91 30.55 5.17
C ASP B 142 -13.80 31.49 4.69
N ASN B 143 -12.57 31.19 5.09
CA ASN B 143 -11.46 32.04 4.79
C ASN B 143 -10.85 31.83 3.41
N VAL B 144 -11.49 31.01 2.57
CA VAL B 144 -10.95 30.77 1.24
C VAL B 144 -11.85 31.43 0.21
N SER B 145 -11.28 32.20 -0.69
CA SER B 145 -12.01 32.96 -1.64
C SER B 145 -12.45 32.03 -2.77
N ALA B 146 -13.43 32.44 -3.52
CA ALA B 146 -13.95 31.61 -4.59
C ALA B 146 -12.90 31.46 -5.68
N ASP B 147 -12.17 32.54 -5.98
CA ASP B 147 -11.09 32.49 -6.96
C ASP B 147 -10.05 31.41 -6.65
N VAL B 148 -9.64 31.37 -5.39
CA VAL B 148 -8.64 30.42 -4.93
C VAL B 148 -9.23 29.00 -4.93
N ALA B 149 -10.49 28.83 -4.48
CA ALA B 149 -11.15 27.55 -4.48
C ALA B 149 -11.28 27.03 -5.89
N ALA B 150 -11.64 27.88 -6.84
CA ALA B 150 -11.70 27.44 -8.19
C ALA B 150 -10.34 26.94 -8.69
N ALA B 151 -9.28 27.68 -8.42
CA ALA B 151 -7.95 27.22 -8.83
C ALA B 151 -7.66 25.86 -8.12
N SER B 152 -8.18 25.66 -6.94
CA SER B 152 -7.87 24.51 -6.21
C SER B 152 -8.47 23.17 -6.73
N THR B 153 -9.50 23.25 -7.57
CA THR B 153 -10.28 22.10 -7.98
C THR B 153 -9.59 21.23 -8.96
N ASP B 154 -8.52 21.73 -9.52
CA ASP B 154 -7.80 21.00 -10.52
C ASP B 154 -6.28 21.31 -10.35
N ALA B 155 -5.90 22.58 -10.40
CA ALA B 155 -4.50 23.02 -10.33
C ALA B 155 -3.83 22.57 -9.03
N VAL B 156 -4.59 22.48 -7.94
CA VAL B 156 -4.07 21.92 -6.73
C VAL B 156 -4.47 20.43 -6.57
N LEU B 157 -5.72 20.11 -6.82
CA LEU B 157 -6.25 18.75 -6.60
C LEU B 157 -5.43 17.72 -7.32
N THR B 158 -5.11 17.98 -8.60
CA THR B 158 -4.41 16.99 -9.41
C THR B 158 -3.00 16.66 -8.88
N PRO B 159 -2.20 17.68 -8.57
CA PRO B 159 -0.91 17.33 -7.98
C PRO B 159 -1.05 16.79 -6.58
N TYR B 160 -2.02 17.21 -5.82
CA TYR B 160 -2.20 16.61 -4.46
C TYR B 160 -2.46 15.13 -4.58
N HIS B 161 -3.39 14.73 -5.47
CA HIS B 161 -3.73 13.33 -5.61
C HIS B 161 -2.50 12.48 -6.00
N ALA B 162 -1.68 13.00 -6.89
CA ALA B 162 -0.45 12.34 -7.39
C ALA B 162 0.60 12.25 -6.33
N ILE B 163 0.80 13.34 -5.60
CA ILE B 163 1.76 13.36 -4.51
C ILE B 163 1.38 12.38 -3.43
N LYS B 164 0.11 12.31 -3.11
CA LYS B 164 -0.39 11.36 -2.10
C LYS B 164 -0.23 9.93 -2.56
N MET B 165 -0.52 9.66 -3.83
CA MET B 165 -0.33 8.36 -4.41
C MET B 165 1.10 7.93 -4.40
N ALA B 166 2.02 8.84 -4.62
CA ALA B 166 3.44 8.51 -4.60
C ALA B 166 3.99 8.33 -3.19
N GLN B 167 3.21 8.65 -2.16
CA GLN B 167 3.60 8.47 -0.76
C GLN B 167 4.81 9.33 -0.40
N VAL B 168 4.80 10.57 -0.85
CA VAL B 168 5.81 11.53 -0.54
C VAL B 168 5.85 11.77 0.97
N SER B 169 7.04 11.89 1.53
CA SER B 169 7.20 12.06 3.00
C SER B 169 8.32 13.11 3.23
N PRO B 170 8.59 13.44 4.49
CA PRO B 170 9.72 14.32 4.76
C PRO B 170 11.10 13.82 4.42
N THR B 171 11.27 12.58 4.09
CA THR B 171 12.58 12.13 3.58
C THR B 171 12.64 12.08 2.02
N SER B 172 11.59 12.50 1.33
CA SER B 172 11.53 12.36 -0.16
C SER B 172 12.40 13.43 -0.79
N ASN B 173 12.99 13.11 -1.91
CA ASN B 173 13.81 14.03 -2.69
C ASN B 173 13.21 13.97 -4.07
N ILE B 174 12.40 14.97 -4.43
CA ILE B 174 11.61 14.87 -5.63
C ILE B 174 11.91 15.90 -6.71
N LEU B 175 11.65 15.48 -7.96
CA LEU B 175 11.87 16.31 -9.15
C LEU B 175 10.53 16.62 -9.72
N LEU B 176 10.27 17.88 -9.97
CA LEU B 176 9.03 18.27 -10.67
C LEU B 176 9.37 18.94 -11.98
N ILE B 177 8.77 18.48 -13.10
CA ILE B 177 9.03 19.14 -14.37
C ILE B 177 7.79 19.89 -14.80
N GLY B 178 7.87 21.21 -14.90
CA GLY B 178 6.77 22.07 -15.25
C GLY B 178 6.34 22.78 -13.98
N ALA B 179 6.35 24.12 -14.01
CA ALA B 179 5.89 24.93 -12.92
C ALA B 179 4.83 25.96 -13.26
N GLY B 180 3.85 25.55 -14.05
CA GLY B 180 2.71 26.37 -14.33
C GLY B 180 1.58 26.14 -13.35
N GLY B 181 0.34 26.12 -13.86
CA GLY B 181 -0.80 25.93 -13.00
C GLY B 181 -0.62 24.79 -12.04
N LEU B 182 -0.43 23.61 -12.58
CA LEU B 182 -0.29 22.42 -11.74
C LEU B 182 1.00 22.43 -10.99
N GLY B 183 2.09 22.67 -11.72
CA GLY B 183 3.41 22.51 -11.13
C GLY B 183 3.69 23.44 -9.96
N GLY B 184 3.15 24.63 -10.02
CA GLY B 184 3.35 25.63 -8.95
C GLY B 184 2.68 25.18 -7.72
N ASN B 185 1.47 24.63 -7.88
CA ASN B 185 0.86 24.08 -6.70
C ASN B 185 1.53 22.87 -6.21
N ALA B 186 2.07 22.04 -7.10
CA ALA B 186 2.72 20.83 -6.71
C ALA B 186 3.92 21.15 -5.79
N ILE B 187 4.58 22.26 -6.08
CA ILE B 187 5.66 22.74 -5.24
C ILE B 187 5.19 22.91 -3.88
N GLN B 188 4.14 23.69 -3.72
CA GLN B 188 3.66 23.96 -2.36
C GLN B 188 3.09 22.69 -1.68
N VAL B 189 2.43 21.81 -2.42
CA VAL B 189 1.86 20.61 -1.78
C VAL B 189 2.99 19.76 -1.31
N ALA B 190 3.99 19.58 -2.15
CA ALA B 190 5.10 18.69 -1.82
C ALA B 190 5.84 19.22 -0.56
N LYS B 191 6.03 20.53 -0.46
CA LYS B 191 6.68 21.15 0.70
C LYS B 191 5.84 20.91 1.90
N ALA B 192 4.51 20.97 1.80
CA ALA B 192 3.65 20.65 2.95
C ALA B 192 3.81 19.21 3.38
N PHE B 193 4.13 18.28 2.45
CA PHE B 193 4.37 16.86 2.85
C PHE B 193 5.81 16.70 3.40
N GLY B 194 6.62 17.75 3.34
CA GLY B 194 7.97 17.76 3.99
C GLY B 194 9.07 17.48 3.00
N ALA B 195 8.73 17.33 1.73
CA ALA B 195 9.77 16.93 0.77
C ALA B 195 10.77 18.00 0.41
N LYS B 196 11.95 17.60 -0.02
CA LYS B 196 12.82 18.45 -0.77
C LYS B 196 12.39 18.47 -2.24
N VAL B 197 12.35 19.64 -2.86
CA VAL B 197 11.76 19.81 -4.17
C VAL B 197 12.70 20.53 -5.12
N THR B 198 12.96 19.88 -6.22
CA THR B 198 13.69 20.47 -7.34
C THR B 198 12.76 20.63 -8.54
N VAL B 199 12.78 21.81 -9.18
CA VAL B 199 11.88 22.17 -10.28
C VAL B 199 12.64 22.45 -11.54
N LEU B 200 12.14 21.92 -12.65
CA LEU B 200 12.61 22.29 -13.99
C LEU B 200 11.48 23.00 -14.73
N ASP B 201 11.75 24.16 -15.34
CA ASP B 201 10.81 24.74 -16.34
C ASP B 201 11.55 25.46 -17.42
N LYS B 202 11.01 25.41 -18.64
CA LYS B 202 11.67 25.96 -19.83
C LYS B 202 11.48 27.51 -19.87
N LYS B 203 10.51 28.02 -19.12
CA LYS B 203 10.19 29.45 -19.14
C LYS B 203 10.72 30.18 -17.93
N LYS B 204 11.47 31.24 -18.21
CA LYS B 204 12.11 32.03 -17.16
C LYS B 204 11.16 32.49 -16.10
N GLU B 205 10.01 33.00 -16.50
CA GLU B 205 9.09 33.56 -15.50
C GLU B 205 8.46 32.51 -14.60
N ALA B 206 8.35 31.27 -15.10
CA ALA B 206 7.88 30.12 -14.27
C ALA B 206 8.97 29.66 -13.31
N ARG B 207 10.22 29.69 -13.77
CA ARG B 207 11.30 29.45 -12.83
C ARG B 207 11.35 30.45 -11.69
N ASP B 208 11.20 31.73 -12.03
CA ASP B 208 11.23 32.81 -11.00
C ASP B 208 10.10 32.64 -10.01
N GLN B 209 8.90 32.36 -10.50
CA GLN B 209 7.79 32.04 -9.56
C GLN B 209 7.99 30.78 -8.68
N ALA B 210 8.52 29.71 -9.28
CA ALA B 210 8.85 28.50 -8.53
C ALA B 210 9.72 28.80 -7.29
N LYS B 211 10.71 29.67 -7.47
CA LYS B 211 11.58 30.09 -6.35
C LYS B 211 10.80 30.76 -5.25
N LYS B 212 9.89 31.63 -5.61
CA LYS B 212 9.05 32.36 -4.63
C LYS B 212 8.07 31.41 -3.92
N LEU B 213 7.73 30.29 -4.55
CA LEU B 213 6.79 29.34 -3.95
C LEU B 213 7.41 28.30 -3.02
N GLY B 214 8.73 28.32 -2.86
CA GLY B 214 9.40 27.48 -1.87
C GLY B 214 10.21 26.28 -2.42
N ALA B 215 10.42 26.18 -3.74
CA ALA B 215 11.24 25.09 -4.28
C ALA B 215 12.65 25.18 -3.70
N ASP B 216 13.32 24.06 -3.45
CA ASP B 216 14.66 24.09 -2.83
C ASP B 216 15.68 24.36 -3.91
N ALA B 217 15.39 23.96 -5.15
CA ALA B 217 16.27 24.25 -6.30
C ALA B 217 15.39 24.43 -7.54
N VAL B 218 15.74 25.38 -8.39
CA VAL B 218 15.12 25.53 -9.69
C VAL B 218 16.05 25.78 -10.85
N TYR B 219 15.80 25.04 -11.93
CA TYR B 219 16.71 25.02 -13.04
C TYR B 219 15.92 24.95 -14.32
N GLU B 220 16.61 25.25 -15.39
CA GLU B 220 16.12 24.96 -16.75
C GLU B 220 16.48 23.53 -17.08
N THR B 221 17.72 23.15 -16.79
CA THR B 221 18.25 21.87 -17.08
C THR B 221 19.04 21.45 -15.85
N LEU B 222 19.01 20.17 -15.53
CA LEU B 222 19.66 19.71 -14.33
C LEU B 222 21.17 19.76 -14.57
N PRO B 223 21.90 20.40 -13.67
CA PRO B 223 23.37 20.50 -13.81
C PRO B 223 24.07 19.17 -13.54
N GLU B 224 25.34 19.12 -13.93
CA GLU B 224 26.14 17.92 -13.87
C GLU B 224 26.37 17.39 -12.49
N SER B 225 26.28 18.26 -11.51
CA SER B 225 26.44 17.89 -10.15
C SER B 225 25.27 17.06 -9.62
N ILE B 226 24.16 17.02 -10.34
CA ILE B 226 23.07 16.17 -9.88
C ILE B 226 23.36 14.77 -10.38
N SER B 227 23.45 13.85 -9.47
CA SER B 227 23.67 12.43 -9.85
C SER B 227 22.40 11.77 -10.56
N PRO B 228 22.61 11.06 -11.65
CA PRO B 228 21.49 10.25 -12.08
C PRO B 228 21.01 9.33 -10.96
N GLY B 229 19.76 8.90 -11.03
CA GLY B 229 19.31 7.84 -10.09
C GLY B 229 19.28 8.34 -8.67
N SER B 230 18.92 9.62 -8.45
CA SER B 230 18.98 10.17 -7.10
C SER B 230 17.64 10.73 -6.54
N PHE B 231 16.55 10.75 -7.33
CA PHE B 231 15.26 11.28 -6.86
C PHE B 231 14.32 10.15 -6.51
N SER B 232 13.64 10.25 -5.37
CA SER B 232 12.72 9.19 -4.99
C SER B 232 11.46 9.22 -5.83
N ALA B 233 11.09 10.37 -6.32
CA ALA B 233 9.96 10.48 -7.21
C ALA B 233 10.16 11.63 -8.23
N CYS B 234 9.68 11.42 -9.46
CA CYS B 234 9.69 12.41 -10.53
C CYS B 234 8.29 12.63 -11.06
N PHE B 235 7.77 13.87 -10.93
CA PHE B 235 6.46 14.25 -11.36
C PHE B 235 6.62 15.07 -12.59
N ASP B 236 6.13 14.55 -13.73
CA ASP B 236 6.23 15.26 -14.98
C ASP B 236 4.91 15.90 -15.32
N PHE B 237 4.85 17.23 -15.23
CA PHE B 237 3.68 17.99 -15.64
C PHE B 237 3.66 18.44 -17.08
N VAL B 238 4.64 18.01 -17.86
CA VAL B 238 4.68 18.29 -19.27
C VAL B 238 4.37 17.01 -20.10
N SER B 239 5.15 15.96 -19.87
CA SER B 239 4.95 14.64 -20.46
C SER B 239 5.11 14.61 -21.99
N VAL B 240 6.27 15.08 -22.46
CA VAL B 240 6.75 14.76 -23.79
C VAL B 240 7.95 13.85 -23.62
N GLN B 241 8.43 13.25 -24.71
CA GLN B 241 9.41 12.20 -24.58
C GLN B 241 10.65 12.71 -23.86
N ALA B 242 11.08 13.92 -24.16
CA ALA B 242 12.31 14.41 -23.60
C ALA B 242 12.21 14.59 -22.04
N THR B 243 11.04 14.96 -21.56
CA THR B 243 10.86 15.21 -20.11
C THR B 243 10.69 13.83 -19.43
N PHE B 244 10.04 12.89 -20.11
CA PHE B 244 9.95 11.52 -19.61
C PHE B 244 11.32 10.88 -19.47
N ASP B 245 12.17 11.08 -20.47
CA ASP B 245 13.52 10.59 -20.39
C ASP B 245 14.33 11.18 -19.24
N VAL B 246 14.15 12.46 -18.96
CA VAL B 246 14.81 13.01 -17.80
C VAL B 246 14.28 12.38 -16.49
N CYS B 247 12.96 12.14 -16.36
CA CYS B 247 12.42 11.39 -15.20
C CYS B 247 13.07 10.02 -15.08
N GLN B 248 13.23 9.35 -16.21
CA GLN B 248 13.72 8.01 -16.16
C GLN B 248 15.23 7.96 -15.83
N LYS B 249 16.00 8.94 -16.29
CA LYS B 249 17.41 8.97 -15.95
C LYS B 249 17.62 9.34 -14.47
N TYR B 250 16.81 10.26 -13.93
CA TYR B 250 17.08 10.79 -12.60
C TYR B 250 16.34 10.11 -11.45
N VAL B 251 15.33 9.29 -11.73
CA VAL B 251 14.64 8.56 -10.66
C VAL B 251 15.58 7.47 -10.10
N GLU B 252 15.60 7.35 -8.77
CA GLU B 252 16.28 6.29 -8.07
C GLU B 252 15.68 4.91 -8.32
N PRO B 253 16.43 3.87 -8.01
CA PRO B 253 15.91 2.53 -8.05
C PRO B 253 14.72 2.39 -7.10
N LYS B 254 13.71 1.66 -7.52
CA LYS B 254 12.45 1.56 -6.86
C LYS B 254 11.64 2.85 -6.78
N GLY B 255 12.11 3.90 -7.43
CA GLY B 255 11.43 5.17 -7.35
C GLY B 255 10.26 5.19 -8.30
N VAL B 256 9.53 6.31 -8.28
CA VAL B 256 8.34 6.42 -9.08
C VAL B 256 8.38 7.58 -10.04
N ILE B 257 7.86 7.35 -11.26
CA ILE B 257 7.67 8.40 -12.24
C ILE B 257 6.17 8.58 -12.43
N MET B 258 5.72 9.81 -12.35
CA MET B 258 4.31 10.12 -12.46
C MET B 258 4.11 11.05 -13.64
N PRO B 259 3.64 10.53 -14.77
CA PRO B 259 3.44 11.37 -15.96
C PRO B 259 2.06 12.03 -15.91
N VAL B 260 2.00 13.13 -15.17
CA VAL B 260 0.71 13.76 -14.86
C VAL B 260 0.29 14.63 -16.05
N GLY B 261 1.26 15.26 -16.72
CA GLY B 261 0.96 16.03 -17.90
C GLY B 261 0.51 15.20 -19.08
N LEU B 262 -0.04 15.88 -20.08
CA LEU B 262 -0.58 15.19 -21.25
C LEU B 262 -0.02 15.79 -22.54
N GLY B 263 1.27 15.74 -22.75
CA GLY B 263 1.95 16.49 -23.82
C GLY B 263 2.17 15.67 -25.09
N ALA B 264 1.99 14.37 -25.00
CA ALA B 264 2.10 13.51 -26.14
C ALA B 264 1.10 12.36 -25.99
N PRO B 265 0.68 11.76 -27.12
CA PRO B 265 -0.29 10.69 -27.01
C PRO B 265 0.31 9.42 -26.45
N ASN B 266 1.60 9.21 -26.71
CA ASN B 266 2.34 8.01 -26.28
C ASN B 266 3.69 8.40 -25.77
N LEU B 267 4.23 7.59 -24.86
CA LEU B 267 5.59 7.81 -24.38
C LEU B 267 6.22 6.50 -24.31
N SER B 268 7.53 6.48 -24.45
CA SER B 268 8.24 5.25 -24.29
C SER B 268 9.21 5.24 -23.12
N PHE B 269 9.45 4.05 -22.58
CA PHE B 269 10.43 3.85 -21.56
C PHE B 269 11.42 2.82 -21.96
N ASN B 270 12.61 2.93 -21.37
CA ASN B 270 13.66 1.94 -21.53
C ASN B 270 13.36 0.75 -20.65
N LEU B 271 13.12 -0.40 -21.26
CA LEU B 271 12.64 -1.58 -20.52
C LEU B 271 13.71 -2.17 -19.61
N GLY B 272 14.92 -2.34 -20.15
CA GLY B 272 16.03 -2.88 -19.35
C GLY B 272 16.26 -2.08 -18.08
N ASP B 273 16.18 -0.75 -18.21
CA ASP B 273 16.37 0.12 -17.07
C ASP B 273 15.18 0.03 -16.08
N LEU B 274 13.96 0.06 -16.59
CA LEU B 274 12.83 -0.03 -15.72
C LEU B 274 12.85 -1.35 -14.90
N ALA B 275 13.18 -2.45 -15.57
CA ALA B 275 13.17 -3.76 -14.92
C ALA B 275 14.29 -3.86 -13.92
N LEU B 276 15.50 -3.59 -14.39
CA LEU B 276 16.69 -3.73 -13.55
C LEU B 276 16.68 -2.88 -12.27
N ARG B 277 16.19 -1.65 -12.39
CA ARG B 277 16.16 -0.77 -11.24
C ARG B 277 14.77 -0.73 -10.58
N GLU B 278 13.85 -1.54 -11.07
CA GLU B 278 12.45 -1.69 -10.53
C GLU B 278 11.75 -0.32 -10.44
N ILE B 279 11.74 0.39 -11.57
CA ILE B 279 11.09 1.73 -11.60
C ILE B 279 9.64 1.47 -11.74
N ARG B 280 8.84 2.36 -11.20
CA ARG B 280 7.38 2.27 -11.27
C ARG B 280 6.85 3.46 -11.94
N ILE B 281 5.90 3.27 -12.84
CA ILE B 281 5.26 4.40 -13.51
C ILE B 281 3.81 4.34 -13.09
N LEU B 282 3.29 5.37 -12.49
CA LEU B 282 1.93 5.33 -11.95
C LEU B 282 1.08 6.41 -12.62
N GLY B 283 0.01 5.99 -13.27
CA GLY B 283 -0.93 6.93 -13.78
C GLY B 283 -1.78 7.54 -12.67
N SER B 284 -2.13 8.81 -12.90
CA SER B 284 -2.88 9.63 -11.94
C SER B 284 -3.83 10.53 -12.71
N PHE B 285 -5.08 10.55 -12.28
CA PHE B 285 -6.10 11.36 -12.94
C PHE B 285 -6.86 12.21 -11.94
N TRP B 286 -6.67 13.53 -12.08
CA TRP B 286 -7.49 14.51 -11.37
C TRP B 286 -7.39 14.29 -9.87
N GLY B 287 -8.54 14.19 -9.19
CA GLY B 287 -8.62 13.75 -7.85
C GLY B 287 -10.04 13.39 -7.41
N THR B 288 -10.08 12.91 -6.21
CA THR B 288 -11.27 12.35 -5.59
C THR B 288 -12.00 13.44 -4.70
N THR B 289 -13.23 13.16 -4.36
CA THR B 289 -14.00 14.01 -3.46
C THR B 289 -13.26 14.20 -2.10
N ASN B 290 -12.77 13.11 -1.50
CA ASN B 290 -12.03 13.25 -0.22
C ASN B 290 -10.76 14.05 -0.40
N ASP B 291 -10.12 13.94 -1.56
CA ASP B 291 -8.93 14.67 -1.86
C ASP B 291 -9.25 16.18 -1.87
N LEU B 292 -10.37 16.58 -2.49
CA LEU B 292 -10.74 18.00 -2.56
C LEU B 292 -10.98 18.59 -1.15
N ASP B 293 -11.70 17.86 -0.30
CA ASP B 293 -11.85 18.27 1.11
C ASP B 293 -10.46 18.44 1.76
N ASP B 294 -9.52 17.49 1.53
CA ASP B 294 -8.13 17.65 2.02
C ASP B 294 -7.46 18.90 1.45
N VAL B 295 -7.60 19.11 0.14
CA VAL B 295 -6.95 20.27 -0.48
C VAL B 295 -7.45 21.61 0.10
N LEU B 296 -8.78 21.74 0.25
CA LEU B 296 -9.36 23.03 0.66
C LEU B 296 -8.94 23.32 2.10
N LYS B 297 -8.73 22.28 2.87
CA LYS B 297 -8.24 22.39 4.24
C LYS B 297 -6.77 22.84 4.24
N LEU B 298 -5.93 22.27 3.38
CA LEU B 298 -4.56 22.80 3.21
C LEU B 298 -4.55 24.27 2.81
N VAL B 299 -5.41 24.63 1.88
CA VAL B 299 -5.46 26.01 1.41
C VAL B 299 -5.95 26.92 2.57
N SER B 300 -6.93 26.44 3.31
CA SER B 300 -7.51 27.20 4.41
C SER B 300 -6.48 27.44 5.52
N GLU B 301 -5.63 26.46 5.75
CA GLU B 301 -4.57 26.55 6.76
C GLU B 301 -3.34 27.27 6.28
N GLY B 302 -3.37 27.82 5.08
CA GLY B 302 -2.26 28.60 4.62
C GLY B 302 -1.07 27.81 4.08
N LYS B 303 -1.15 26.49 4.05
CA LYS B 303 -0.03 25.69 3.56
C LYS B 303 0.14 25.76 2.05
N VAL B 304 -0.94 26.08 1.31
CA VAL B 304 -0.86 26.15 -0.14
C VAL B 304 -1.57 27.42 -0.51
N LYS B 305 -0.95 28.25 -1.33
CA LYS B 305 -1.49 29.56 -1.74
C LYS B 305 -1.40 29.62 -3.23
N PRO B 306 -2.48 29.19 -3.90
CA PRO B 306 -2.40 29.04 -5.34
C PRO B 306 -2.21 30.37 -6.06
N VAL B 307 -1.36 30.40 -7.08
CA VAL B 307 -1.18 31.62 -7.82
C VAL B 307 -2.33 31.78 -8.82
N VAL B 308 -3.13 32.80 -8.60
CA VAL B 308 -4.38 33.04 -9.36
C VAL B 308 -4.57 34.53 -9.65
N ARG B 309 -4.86 34.86 -10.90
CA ARG B 309 -5.34 36.19 -11.26
C ARG B 309 -6.77 36.07 -11.84
N SER B 310 -7.64 37.05 -11.55
CA SER B 310 -9.06 37.03 -11.98
C SER B 310 -9.33 37.91 -13.22
N ALA B 311 -10.36 37.56 -13.96
CA ALA B 311 -10.84 38.35 -15.05
C ALA B 311 -12.34 38.08 -15.25
N LYS B 312 -13.00 38.90 -16.06
CA LYS B 312 -14.44 38.70 -16.31
C LYS B 312 -14.56 37.56 -17.30
N LEU B 313 -15.61 36.77 -17.15
CA LEU B 313 -15.82 35.62 -18.02
C LEU B 313 -15.86 35.97 -19.50
N LYS B 314 -16.44 37.12 -19.84
CA LYS B 314 -16.39 37.62 -21.28
C LYS B 314 -15.02 37.72 -21.90
N GLU B 315 -14.01 37.92 -21.09
CA GLU B 315 -12.63 37.92 -21.55
C GLU B 315 -12.04 36.53 -21.85
N LEU B 316 -12.80 35.45 -21.64
CA LEU B 316 -12.24 34.10 -21.78
C LEU B 316 -11.52 33.86 -23.11
N PRO B 317 -12.14 34.23 -24.25
CA PRO B 317 -11.41 33.94 -25.52
C PRO B 317 -9.98 34.57 -25.60
N GLU B 318 -9.78 35.71 -24.95
CA GLU B 318 -8.43 36.34 -24.98
C GLU B 318 -7.46 35.51 -24.17
N TYR B 319 -7.94 35.02 -23.02
CA TYR B 319 -7.04 34.25 -22.16
C TYR B 319 -6.77 32.87 -22.69
N ILE B 320 -7.72 32.34 -23.44
CA ILE B 320 -7.49 31.06 -24.14
C ILE B 320 -6.28 31.16 -25.08
N GLU B 321 -6.25 32.22 -25.90
CA GLU B 321 -5.10 32.45 -26.81
C GLU B 321 -3.80 32.58 -26.04
N LYS B 322 -3.84 33.39 -24.98
CA LYS B 322 -2.67 33.58 -24.12
C LYS B 322 -2.05 32.28 -23.58
N LEU B 323 -2.91 31.36 -23.11
CA LEU B 323 -2.46 30.12 -22.53
C LEU B 323 -1.88 29.22 -23.59
N ARG B 324 -2.54 29.19 -24.74
CA ARG B 324 -2.05 28.51 -25.91
C ARG B 324 -0.59 28.92 -26.27
N ASN B 325 -0.23 30.17 -25.99
CA ASN B 325 1.16 30.66 -26.21
C ASN B 325 1.97 30.76 -24.91
N ASN B 326 1.46 30.15 -23.83
CA ASN B 326 2.23 30.07 -22.57
C ASN B 326 2.64 31.44 -22.05
N ALA B 327 1.70 32.36 -22.14
CA ALA B 327 1.97 33.79 -21.96
C ALA B 327 1.74 34.31 -20.60
N TYR B 328 1.15 33.54 -19.71
CA TYR B 328 1.17 33.93 -18.31
C TYR B 328 1.57 32.78 -17.38
N GLU B 329 1.74 33.07 -16.11
CA GLU B 329 2.13 32.14 -15.13
C GLU B 329 0.99 31.94 -14.15
N GLY B 330 0.89 30.76 -13.53
CA GLY B 330 -0.21 30.55 -12.57
C GLY B 330 -1.53 30.36 -13.29
N ARG B 331 -2.63 30.35 -12.55
CA ARG B 331 -3.98 30.16 -13.13
C ARG B 331 -4.63 31.48 -13.36
N VAL B 332 -5.45 31.56 -14.39
CA VAL B 332 -6.44 32.63 -14.46
C VAL B 332 -7.82 32.00 -14.24
N VAL B 333 -8.61 32.68 -13.44
CA VAL B 333 -10.01 32.30 -13.19
C VAL B 333 -10.92 33.45 -13.63
N PHE B 334 -12.17 33.11 -13.87
CA PHE B 334 -13.15 34.06 -14.44
C PHE B 334 -14.38 34.20 -13.55
N ASN B 335 -14.83 35.45 -13.36
CA ASN B 335 -16.04 35.75 -12.63
C ASN B 335 -17.17 36.00 -13.64
N PRO B 336 -18.29 35.21 -13.59
CA PRO B 336 -19.33 35.38 -14.64
C PRO B 336 -20.17 36.63 -14.52
N LEU C 18 -41.41 -8.03 17.88
CA LEU C 18 -41.44 -7.83 16.42
C LEU C 18 -41.99 -9.11 15.70
N ASN C 19 -43.15 -9.00 15.03
CA ASN C 19 -43.99 -10.15 14.58
C ASN C 19 -44.50 -10.06 13.13
N LEU C 20 -45.13 -11.15 12.66
CA LEU C 20 -45.75 -11.22 11.32
C LEU C 20 -46.93 -10.28 11.16
N ASN C 22 -49.57 -9.58 7.89
CA ASN C 22 -49.83 -10.18 6.58
C ASN C 22 -50.47 -9.19 5.59
N ASP C 23 -50.46 -7.91 5.96
CA ASP C 23 -50.90 -6.84 5.07
C ASP C 23 -49.94 -5.64 5.14
N LEU C 24 -48.64 -5.88 5.29
CA LEU C 24 -47.66 -4.78 5.29
C LEU C 24 -47.72 -4.03 3.96
N PRO C 25 -47.44 -2.72 3.97
CA PRO C 25 -47.39 -1.98 2.71
C PRO C 25 -46.11 -2.25 1.89
N VAL C 26 -46.18 -1.97 0.59
CA VAL C 26 -45.06 -2.06 -0.35
C VAL C 26 -44.76 -0.69 -0.91
N HIS C 27 -43.56 -0.18 -0.67
CA HIS C 27 -43.25 1.21 -0.94
C HIS C 27 -42.84 1.41 -2.39
N LYS C 28 -43.12 2.58 -2.95
CA LYS C 28 -42.71 2.93 -4.31
C LYS C 28 -41.41 3.67 -4.13
N PRO C 29 -40.38 3.32 -4.89
CA PRO C 29 -39.12 4.03 -4.71
C PRO C 29 -39.15 5.48 -5.15
N LYS C 30 -38.47 6.37 -4.43
CA LYS C 30 -38.19 7.72 -4.89
C LYS C 30 -36.99 7.70 -5.80
N ALA C 31 -36.67 8.86 -6.33
CA ALA C 31 -35.69 9.01 -7.41
C ALA C 31 -34.43 8.16 -7.29
N GLY C 32 -33.78 8.24 -6.14
CA GLY C 32 -32.51 7.56 -5.93
C GLY C 32 -32.60 6.21 -5.23
N GLN C 33 -33.79 5.62 -5.15
CA GLN C 33 -34.04 4.40 -4.39
C GLN C 33 -34.41 3.25 -5.31
N LEU C 34 -34.52 2.07 -4.73
CA LEU C 34 -35.04 0.92 -5.46
C LEU C 34 -35.81 0.01 -4.54
N LEU C 35 -36.63 -0.83 -5.16
CA LEU C 35 -37.40 -1.82 -4.44
C LEU C 35 -36.84 -3.19 -4.77
N LEU C 36 -36.53 -3.96 -3.71
CA LEU C 36 -35.95 -5.28 -3.89
C LEU C 36 -36.97 -6.32 -3.56
N LYS C 37 -37.17 -7.27 -4.49
CA LYS C 37 -37.96 -8.44 -4.18
C LYS C 37 -37.04 -9.44 -3.46
N VAL C 38 -37.34 -9.80 -2.23
CA VAL C 38 -36.49 -10.67 -1.44
C VAL C 38 -36.61 -12.13 -1.89
N ASP C 39 -35.49 -12.75 -2.28
CA ASP C 39 -35.46 -14.17 -2.67
C ASP C 39 -35.00 -15.07 -1.53
N ALA C 40 -34.08 -14.59 -0.69
CA ALA C 40 -33.60 -15.37 0.45
C ALA C 40 -33.14 -14.43 1.51
N VAL C 41 -33.35 -14.82 2.77
CA VAL C 41 -32.91 -14.03 3.91
C VAL C 41 -32.46 -14.97 5.02
N GLY C 42 -31.26 -14.71 5.57
CA GLY C 42 -30.61 -15.59 6.56
C GLY C 42 -30.95 -15.18 7.98
N LEU C 43 -30.76 -16.08 8.93
CA LEU C 43 -31.02 -15.76 10.35
C LEU C 43 -29.70 -15.67 11.10
N HIS C 45 -27.58 -15.47 14.66
CA HIS C 45 -27.18 -15.36 16.06
C HIS C 45 -27.44 -13.97 16.64
N SER C 46 -27.00 -12.95 15.92
CA SER C 46 -27.27 -11.57 16.28
C SER C 46 -28.75 -11.25 16.32
N ASP C 47 -29.57 -11.96 15.56
CA ASP C 47 -31.00 -11.70 15.64
C ASP C 47 -31.50 -12.05 17.06
N LEU C 48 -30.96 -13.12 17.63
CA LEU C 48 -31.32 -13.55 18.99
C LEU C 48 -30.95 -12.48 20.01
N HIS C 49 -29.77 -11.86 19.89
CA HIS C 49 -29.36 -10.86 20.88
C HIS C 49 -30.34 -9.69 20.99
N GLY C 58 -32.66 0.17 17.57
CA GLY C 58 -33.21 0.42 16.24
C GLY C 58 -34.70 0.75 16.30
N ASP C 59 -35.43 -0.10 17.02
CA ASP C 59 -36.88 -0.01 17.21
C ASP C 59 -37.84 0.04 15.96
N ASN C 60 -38.76 -0.92 15.85
CA ASN C 60 -39.85 -0.92 14.87
C ASN C 60 -39.37 -0.99 13.43
N VAL C 62 -38.38 -4.03 10.13
CA VAL C 62 -38.36 -5.39 9.63
C VAL C 62 -36.95 -5.93 9.88
N MET C 63 -36.84 -7.08 10.54
CA MET C 63 -35.53 -7.70 10.78
C MET C 63 -35.12 -8.54 9.58
N GLY C 64 -33.94 -9.15 9.69
CA GLY C 64 -33.39 -9.98 8.62
C GLY C 64 -32.25 -9.22 7.96
N HIS C 65 -31.01 -9.50 8.34
CA HIS C 65 -29.87 -8.68 7.90
C HIS C 65 -28.94 -9.39 6.91
N GLU C 66 -29.39 -10.55 6.44
CA GLU C 66 -28.63 -11.37 5.50
C GLU C 66 -29.52 -11.57 4.28
N ILE C 67 -29.39 -10.70 3.29
CA ILE C 67 -30.44 -10.52 2.29
C ILE C 67 -29.95 -10.68 0.87
N ALA C 68 -30.66 -11.51 0.11
CA ALA C 68 -30.47 -11.62 -1.31
C ALA C 68 -31.82 -11.47 -2.04
N GLY C 69 -31.81 -10.79 -3.18
CA GLY C 69 -33.03 -10.63 -3.96
C GLY C 69 -32.82 -10.14 -5.37
N THR C 70 -33.94 -9.70 -5.98
CA THR C 70 -34.00 -9.25 -7.36
C THR C 70 -34.61 -7.87 -7.34
N VAL C 71 -33.98 -6.93 -8.05
CA VAL C 71 -34.51 -5.56 -8.19
C VAL C 71 -35.87 -5.60 -8.91
N ALA C 72 -36.89 -5.04 -8.27
CA ALA C 72 -38.27 -5.13 -8.76
C ALA C 72 -38.71 -3.82 -9.35
N ALA C 73 -38.20 -2.71 -8.82
CA ALA C 73 -38.45 -1.39 -9.42
C ALA C 73 -37.36 -0.43 -8.99
N VAL C 74 -37.04 0.53 -9.86
CA VAL C 74 -36.03 1.52 -9.58
C VAL C 74 -36.63 2.90 -9.71
N GLY C 75 -36.10 3.84 -8.93
CA GLY C 75 -36.49 5.25 -8.98
C GLY C 75 -35.81 5.91 -10.17
N ASP C 76 -36.24 7.12 -10.46
CA ASP C 76 -35.88 7.78 -11.71
C ASP C 76 -34.35 7.94 -11.86
N ASP C 77 -33.61 8.26 -10.81
CA ASP C 77 -32.21 8.65 -11.04
C ASP C 77 -31.17 7.50 -11.18
N VAL C 78 -31.61 6.27 -10.92
CA VAL C 78 -30.77 5.12 -10.61
C VAL C 78 -30.20 4.54 -11.88
N ILE C 79 -28.86 4.52 -11.97
CA ILE C 79 -28.16 4.08 -13.18
C ILE C 79 -27.34 2.81 -13.00
N ASN C 80 -26.96 2.48 -11.77
CA ASN C 80 -26.18 1.29 -11.52
C ASN C 80 -27.00 -0.02 -11.47
N TYR C 81 -28.33 0.07 -11.31
CA TYR C 81 -29.17 -1.14 -11.25
C TYR C 81 -30.38 -1.02 -12.14
N LYS C 82 -30.84 -2.18 -12.59
CA LYS C 82 -32.05 -2.24 -13.39
C LYS C 82 -32.91 -3.39 -12.91
N VAL C 83 -34.21 -3.30 -13.17
CA VAL C 83 -35.17 -4.33 -12.80
C VAL C 83 -34.62 -5.67 -13.31
N GLY C 84 -34.75 -6.72 -12.51
CA GLY C 84 -34.17 -8.03 -12.86
C GLY C 84 -32.76 -8.31 -12.29
N ASP C 85 -31.99 -7.27 -11.92
CA ASP C 85 -30.63 -7.51 -11.36
C ASP C 85 -30.72 -8.26 -10.02
N ARG C 86 -29.91 -9.29 -9.87
CA ARG C 86 -29.87 -10.04 -8.62
C ARG C 86 -28.79 -9.38 -7.73
N VAL C 87 -29.14 -9.07 -6.48
CA VAL C 87 -28.28 -8.30 -5.59
C VAL C 87 -28.39 -8.76 -4.18
N ALA C 88 -27.28 -8.63 -3.43
CA ALA C 88 -27.25 -8.96 -2.00
C ALA C 88 -26.96 -7.68 -1.23
N CYS C 89 -27.47 -7.58 -0.02
CA CYS C 89 -27.40 -6.31 0.72
C CYS C 89 -26.21 -6.30 1.65
N VAL C 90 -25.49 -5.18 1.64
CA VAL C 90 -24.39 -5.04 2.56
C VAL C 90 -24.91 -4.33 3.82
N GLY C 91 -25.03 -5.18 4.83
CA GLY C 91 -25.67 -4.88 6.07
C GLY C 91 -25.42 -3.52 6.69
N PRO C 92 -24.15 -3.08 6.80
CA PRO C 92 -23.87 -1.76 7.38
C PRO C 92 -24.52 -0.55 6.69
N ASN C 93 -24.92 -0.70 5.43
CA ASN C 93 -25.79 0.29 4.80
C ASN C 93 -25.27 1.76 4.92
N GLY C 94 -23.99 1.95 4.65
CA GLY C 94 -23.37 3.28 4.78
C GLY C 94 -24.04 4.43 4.02
N CYS C 95 -23.89 5.65 4.54
CA CYS C 95 -24.54 6.85 3.98
C CYS C 95 -24.05 7.20 2.54
N GLY C 96 -22.81 6.86 2.20
CA GLY C 96 -22.30 7.15 0.87
C GLY C 96 -21.78 8.56 0.69
N GLY C 97 -21.93 9.42 1.69
CA GLY C 97 -21.55 10.83 1.55
C GLY C 97 -20.46 11.30 2.48
N CYS C 98 -20.07 10.49 3.46
CA CYS C 98 -19.09 10.93 4.43
C CYS C 98 -17.69 10.47 4.00
N LYS C 99 -16.68 10.92 4.75
CA LYS C 99 -15.32 10.58 4.41
C LYS C 99 -15.04 9.05 4.54
N TYR C 100 -15.73 8.38 5.47
CA TYR C 100 -15.52 6.93 5.68
C TYR C 100 -16.06 6.19 4.47
N CYS C 101 -17.26 6.55 4.06
CA CYS C 101 -17.84 5.91 2.88
C CYS C 101 -17.06 6.21 1.55
N ARG C 102 -16.38 7.36 1.46
CA ARG C 102 -15.83 7.81 0.18
C ARG C 102 -14.38 7.46 -0.30
N GLY C 103 -13.41 7.01 0.49
CA GLY C 103 -13.48 6.36 1.78
C GLY C 103 -12.96 4.91 1.65
N ALA C 104 -13.78 4.06 1.04
CA ALA C 104 -13.61 2.59 0.98
C ALA C 104 -13.89 1.89 2.29
N ILE C 105 -14.41 2.62 3.27
CA ILE C 105 -14.66 2.02 4.59
C ILE C 105 -16.08 2.34 5.02
N ASP C 106 -17.02 1.94 4.14
CA ASP C 106 -18.41 2.23 4.42
C ASP C 106 -18.97 1.40 5.57
N ASN C 107 -18.23 0.38 6.02
CA ASN C 107 -18.68 -0.41 7.16
C ASN C 107 -18.56 0.35 8.51
N VAL C 108 -17.79 1.48 8.57
CA VAL C 108 -17.68 2.26 9.82
C VAL C 108 -18.30 3.65 9.71
N CYS C 109 -19.27 3.80 8.82
CA CYS C 109 -20.01 5.05 8.67
C CYS C 109 -20.74 5.49 9.94
N LYS C 110 -20.37 6.64 10.50
CA LYS C 110 -21.05 7.17 11.74
C LYS C 110 -22.52 7.50 11.49
N ASN C 111 -22.79 8.14 10.35
CA ASN C 111 -24.19 8.44 9.99
C ASN C 111 -25.16 7.25 9.93
N ALA C 112 -24.66 6.01 9.76
CA ALA C 112 -25.52 4.84 9.51
C ALA C 112 -25.69 3.98 10.75
N PHE C 113 -25.03 4.34 11.84
CA PHE C 113 -25.26 3.64 13.11
C PHE C 113 -26.78 3.72 13.36
N GLY C 114 -27.41 2.59 13.69
CA GLY C 114 -28.88 2.51 13.82
C GLY C 114 -29.69 2.43 12.51
N ASP C 115 -29.00 2.38 11.36
CA ASP C 115 -29.68 2.30 10.09
C ASP C 115 -29.22 1.10 9.24
N TRP C 116 -28.76 0.05 9.89
CA TRP C 116 -28.26 -1.14 9.19
C TRP C 116 -29.47 -1.94 8.72
N PHE C 117 -29.34 -2.60 7.57
CA PHE C 117 -30.39 -3.52 7.08
C PHE C 117 -30.75 -4.56 8.15
N GLY C 118 -32.03 -4.56 8.53
CA GLY C 118 -32.58 -5.53 9.46
C GLY C 118 -32.11 -5.36 10.91
N LEU C 119 -31.41 -4.25 11.20
CA LEU C 119 -30.90 -3.94 12.54
C LEU C 119 -30.96 -2.39 12.76
N GLY C 120 -32.18 -1.85 12.64
CA GLY C 120 -32.42 -0.42 12.77
C GLY C 120 -33.23 0.08 11.57
N TYR C 121 -32.75 -0.24 10.37
CA TYR C 121 -33.52 -0.04 9.17
C TYR C 121 -34.12 -1.40 8.77
N ASP C 122 -35.16 -1.38 7.91
CA ASP C 122 -35.82 -2.65 7.42
C ASP C 122 -34.74 -3.48 6.64
N GLY C 124 -34.93 -8.02 5.67
CA GLY C 124 -35.26 -9.05 4.63
C GLY C 124 -36.42 -9.99 5.01
N TYR C 125 -36.89 -9.93 6.26
CA TYR C 125 -37.99 -10.81 6.68
C TYR C 125 -39.35 -10.32 6.17
N GLN C 126 -39.45 -10.14 4.85
CA GLN C 126 -40.64 -9.61 4.15
C GLN C 126 -40.49 -9.94 2.67
N GLN C 127 -41.48 -9.57 1.87
CA GLN C 127 -41.45 -9.90 0.45
C GLN C 127 -40.76 -8.85 -0.41
N TYR C 128 -40.91 -7.57 -0.05
CA TYR C 128 -40.37 -6.45 -0.88
C TYR C 128 -39.70 -5.41 0.04
N LEU C 129 -38.42 -5.12 -0.18
CA LEU C 129 -37.67 -4.22 0.70
C LEU C 129 -37.33 -2.98 -0.06
N LEU C 130 -37.62 -1.82 0.54
CA LEU C 130 -37.22 -0.55 -0.03
C LEU C 130 -35.77 -0.33 0.36
N VAL C 131 -34.93 -0.15 -0.64
CA VAL C 131 -33.53 0.18 -0.46
C VAL C 131 -33.36 1.67 -0.69
N THR C 132 -33.26 2.39 0.42
CA THR C 132 -32.90 3.77 0.41
C THR C 132 -31.38 3.48 0.33
N ARG C 133 -30.67 3.99 -0.64
CA ARG C 133 -29.20 3.75 -0.70
C ARG C 133 -28.67 2.48 -1.44
N PRO C 134 -28.93 2.43 -2.72
CA PRO C 134 -28.54 1.32 -3.56
C PRO C 134 -27.04 1.10 -3.68
N ARG C 135 -26.21 2.06 -3.33
CA ARG C 135 -24.77 1.81 -3.34
C ARG C 135 -24.40 0.61 -2.44
N ASN C 136 -25.25 0.31 -1.47
CA ASN C 136 -25.04 -0.79 -0.51
C ASN C 136 -25.60 -2.14 -0.95
N LEU C 137 -25.37 -2.43 -2.20
CA LEU C 137 -25.84 -3.65 -2.81
C LEU C 137 -24.68 -4.24 -3.59
N SER C 138 -24.66 -5.57 -3.66
CA SER C 138 -23.63 -6.25 -4.43
C SER C 138 -24.31 -7.20 -5.40
N ARG C 139 -23.86 -7.19 -6.65
CA ARG C 139 -24.42 -8.04 -7.69
C ARG C 139 -24.08 -9.50 -7.41
N ILE C 140 -25.09 -10.36 -7.41
CA ILE C 140 -24.89 -11.80 -7.25
C ILE C 140 -24.48 -12.42 -8.59
N PRO C 141 -23.38 -13.20 -8.63
CA PRO C 141 -23.06 -13.82 -9.92
C PRO C 141 -24.11 -14.84 -10.38
N ASP C 142 -24.20 -15.06 -11.69
CA ASP C 142 -25.28 -15.92 -12.26
C ASP C 142 -25.30 -17.32 -11.70
N ASN C 143 -24.14 -17.92 -11.48
CA ASN C 143 -24.08 -19.27 -10.98
C ASN C 143 -24.19 -19.40 -9.46
N VAL C 144 -24.48 -18.29 -8.75
CA VAL C 144 -24.66 -18.35 -7.29
C VAL C 144 -26.12 -18.15 -6.98
N SER C 145 -26.65 -19.06 -6.17
CA SER C 145 -28.04 -19.04 -5.85
C SER C 145 -28.30 -17.96 -4.84
N ALA C 146 -29.56 -17.57 -4.72
CA ALA C 146 -29.93 -16.55 -3.76
C ALA C 146 -29.71 -17.05 -2.33
N ASP C 147 -29.96 -18.32 -2.10
CA ASP C 147 -29.75 -18.90 -0.74
C ASP C 147 -28.30 -18.75 -0.27
N VAL C 148 -27.38 -19.12 -1.15
CA VAL C 148 -25.98 -19.12 -0.80
C VAL C 148 -25.54 -17.65 -0.62
N ALA C 149 -26.01 -16.76 -1.49
CA ALA C 149 -25.67 -15.35 -1.44
C ALA C 149 -26.12 -14.78 -0.11
N ALA C 150 -27.34 -15.09 0.29
CA ALA C 150 -27.84 -14.65 1.58
C ALA C 150 -26.97 -15.16 2.74
N ALA C 151 -26.60 -16.43 2.72
CA ALA C 151 -25.69 -16.97 3.79
C ALA C 151 -24.24 -16.41 3.77
N SER C 152 -23.84 -15.80 2.66
CA SER C 152 -22.54 -15.15 2.53
C SER C 152 -22.43 -13.73 3.13
N THR C 153 -23.58 -13.09 3.41
CA THR C 153 -23.62 -11.65 3.64
C THR C 153 -23.09 -11.28 4.99
N ASP C 154 -22.88 -12.25 5.83
CA ASP C 154 -22.36 -12.02 7.17
C ASP C 154 -21.39 -13.14 7.60
N ALA C 155 -21.85 -14.37 7.57
CA ALA C 155 -21.00 -15.53 7.93
C ALA C 155 -19.71 -15.70 7.10
N VAL C 156 -19.73 -15.28 5.85
CA VAL C 156 -18.51 -15.27 5.04
C VAL C 156 -17.88 -13.86 5.01
N LEU C 157 -18.69 -12.85 4.81
CA LEU C 157 -18.24 -11.43 4.68
C LEU C 157 -17.41 -10.97 5.84
N THR C 158 -17.83 -11.32 7.04
CA THR C 158 -17.08 -10.92 8.24
C THR C 158 -15.68 -11.49 8.34
N PRO C 159 -15.53 -12.82 8.24
CA PRO C 159 -14.14 -13.32 8.25
C PRO C 159 -13.34 -12.94 7.01
N TYR C 160 -14.00 -12.87 5.85
CA TYR C 160 -13.26 -12.39 4.68
C TYR C 160 -12.64 -10.99 4.92
N HIS C 161 -13.43 -10.07 5.46
CA HIS C 161 -12.97 -8.68 5.71
C HIS C 161 -11.78 -8.66 6.61
N ALA C 162 -11.81 -9.48 7.65
CA ALA C 162 -10.70 -9.60 8.63
C ALA C 162 -9.44 -10.22 8.00
N ILE C 163 -9.60 -11.30 7.24
CA ILE C 163 -8.50 -11.95 6.62
C ILE C 163 -7.81 -11.01 5.59
N LYS C 164 -8.59 -10.33 4.80
CA LYS C 164 -8.07 -9.36 3.83
C LYS C 164 -7.36 -8.23 4.54
N MET C 165 -7.93 -7.75 5.65
CA MET C 165 -7.24 -6.68 6.45
C MET C 165 -5.93 -7.15 6.97
N ALA C 166 -5.84 -8.42 7.33
CA ALA C 166 -4.60 -8.92 7.89
C ALA C 166 -3.55 -9.19 6.79
N GLN C 167 -3.93 -9.11 5.52
CA GLN C 167 -3.01 -9.28 4.40
C GLN C 167 -2.42 -10.69 4.34
N VAL C 168 -3.26 -11.68 4.54
CA VAL C 168 -2.84 -13.10 4.53
C VAL C 168 -2.37 -13.49 3.09
N SER C 169 -1.37 -14.33 2.96
CA SER C 169 -0.81 -14.75 1.68
C SER C 169 -0.43 -16.22 1.77
N PRO C 170 0.08 -16.80 0.68
CA PRO C 170 0.38 -18.21 0.70
C PRO C 170 1.56 -18.52 1.60
N THR C 171 2.30 -17.53 2.03
CA THR C 171 3.35 -17.81 2.99
C THR C 171 2.91 -17.59 4.45
N SER C 172 1.66 -17.25 4.69
CA SER C 172 1.18 -16.93 6.05
C SER C 172 1.00 -18.24 6.83
N ASN C 173 1.24 -18.16 8.13
CA ASN C 173 1.07 -19.26 9.03
C ASN C 173 0.13 -18.76 10.14
N ILE C 174 -1.14 -19.11 10.05
CA ILE C 174 -2.10 -18.50 10.91
C ILE C 174 -2.75 -19.45 11.92
N LEU C 175 -3.18 -18.85 13.02
CA LEU C 175 -3.92 -19.51 14.08
C LEU C 175 -5.32 -18.96 14.10
N LEU C 176 -6.32 -19.83 14.05
CA LEU C 176 -7.69 -19.45 14.25
C LEU C 176 -8.19 -20.07 15.56
N ILE C 177 -8.76 -19.27 16.45
CA ILE C 177 -9.38 -19.80 17.66
C ILE C 177 -10.87 -19.75 17.53
N GLY C 178 -11.53 -20.92 17.55
CA GLY C 178 -12.99 -20.96 17.43
C GLY C 178 -13.46 -21.26 16.03
N ALA C 179 -13.90 -22.49 15.80
CA ALA C 179 -14.33 -22.92 14.48
C ALA C 179 -15.86 -23.10 14.33
N GLY C 180 -16.67 -22.14 14.76
CA GLY C 180 -18.11 -22.19 14.54
C GLY C 180 -18.60 -21.55 13.23
N GLY C 181 -19.74 -20.88 13.29
CA GLY C 181 -20.30 -20.23 12.10
C GLY C 181 -19.28 -19.41 11.33
N LEU C 182 -18.70 -18.41 12.00
CA LEU C 182 -17.70 -17.56 11.37
C LEU C 182 -16.38 -18.30 11.17
N GLY C 183 -15.91 -19.00 12.21
CA GLY C 183 -14.61 -19.65 12.17
C GLY C 183 -14.47 -20.67 11.07
N GLY C 184 -15.54 -21.41 10.81
CA GLY C 184 -15.50 -22.43 9.78
C GLY C 184 -15.38 -21.81 8.41
N ASN C 185 -16.11 -20.70 8.19
CA ASN C 185 -15.95 -19.98 6.93
C ASN C 185 -14.62 -19.30 6.81
N ALA C 186 -14.07 -18.85 7.93
CA ALA C 186 -12.74 -18.31 7.93
C ALA C 186 -11.70 -19.30 7.48
N ILE C 187 -11.88 -20.57 7.86
CA ILE C 187 -10.95 -21.61 7.42
C ILE C 187 -10.92 -21.65 5.90
N GLN C 188 -12.07 -21.71 5.31
CA GLN C 188 -12.16 -21.82 3.84
C GLN C 188 -11.61 -20.54 3.17
N VAL C 189 -11.93 -19.36 3.71
CA VAL C 189 -11.41 -18.14 3.12
C VAL C 189 -9.90 -18.14 3.23
N ALA C 190 -9.36 -18.43 4.42
CA ALA C 190 -7.93 -18.44 4.59
C ALA C 190 -7.19 -19.41 3.70
N LYS C 191 -7.72 -20.62 3.53
CA LYS C 191 -7.15 -21.60 2.57
C LYS C 191 -7.22 -21.09 1.17
N ALA C 192 -8.26 -20.37 0.81
CA ALA C 192 -8.29 -19.76 -0.53
C ALA C 192 -7.16 -18.76 -0.75
N PHE C 193 -6.68 -18.12 0.30
CA PHE C 193 -5.56 -17.15 0.17
C PHE C 193 -4.26 -17.91 0.14
N GLY C 194 -4.29 -19.23 0.35
CA GLY C 194 -3.09 -20.07 0.28
C GLY C 194 -2.45 -20.31 1.64
N ALA C 195 -3.02 -19.77 2.74
CA ALA C 195 -2.38 -19.85 4.04
C ALA C 195 -2.36 -21.24 4.63
N LYS C 196 -1.36 -21.51 5.42
CA LYS C 196 -1.41 -22.63 6.33
C LYS C 196 -2.29 -22.23 7.54
N VAL C 197 -3.23 -23.10 7.91
CA VAL C 197 -4.22 -22.81 8.93
C VAL C 197 -4.22 -23.83 10.08
N THR C 198 -4.03 -23.34 11.32
CA THR C 198 -4.11 -24.13 12.53
C THR C 198 -5.33 -23.64 13.30
N VAL C 199 -6.18 -24.57 13.73
CA VAL C 199 -7.42 -24.29 14.43
C VAL C 199 -7.37 -24.82 15.89
N LEU C 200 -7.84 -24.00 16.83
CA LEU C 200 -8.02 -24.38 18.23
C LEU C 200 -9.51 -24.30 18.49
N ASP C 201 -10.13 -25.41 18.98
CA ASP C 201 -11.52 -25.34 19.42
C ASP C 201 -11.71 -26.36 20.56
N LYS C 202 -12.53 -25.98 21.54
CA LYS C 202 -12.79 -26.81 22.73
C LYS C 202 -13.76 -27.94 22.41
N LYS C 203 -14.56 -27.80 21.35
CA LYS C 203 -15.63 -28.73 21.04
C LYS C 203 -15.21 -29.71 19.96
N LYS C 204 -15.29 -31.00 20.29
CA LYS C 204 -14.87 -32.06 19.42
C LYS C 204 -15.48 -31.94 18.05
N GLU C 205 -16.76 -31.67 17.98
CA GLU C 205 -17.44 -31.67 16.68
C GLU C 205 -16.96 -30.51 15.80
N ALA C 206 -16.53 -29.40 16.42
CA ALA C 206 -16.02 -28.26 15.67
C ALA C 206 -14.63 -28.62 15.18
N ARG C 207 -13.86 -29.34 15.99
CA ARG C 207 -12.57 -29.78 15.51
C ARG C 207 -12.69 -30.69 14.32
N ASP C 208 -13.68 -31.58 14.36
CA ASP C 208 -13.92 -32.50 13.22
C ASP C 208 -14.29 -31.73 11.95
N GLN C 209 -15.25 -30.82 12.07
CA GLN C 209 -15.64 -29.98 10.91
C GLN C 209 -14.42 -29.20 10.36
N ALA C 210 -13.61 -28.65 11.26
CA ALA C 210 -12.44 -27.91 10.88
C ALA C 210 -11.53 -28.72 10.00
N LYS C 211 -11.31 -29.98 10.38
CA LYS C 211 -10.50 -30.92 9.56
C LYS C 211 -11.10 -31.10 8.17
N LYS C 212 -12.41 -31.26 8.11
CA LYS C 212 -13.08 -31.46 6.83
C LYS C 212 -13.00 -30.24 5.93
N LEU C 213 -12.95 -29.05 6.53
CA LEU C 213 -13.01 -27.79 5.77
C LEU C 213 -11.63 -27.39 5.29
N GLY C 214 -10.59 -28.17 5.61
CA GLY C 214 -9.24 -27.97 5.09
C GLY C 214 -8.14 -27.47 6.04
N ALA C 215 -8.42 -27.29 7.32
CA ALA C 215 -7.40 -26.83 8.23
C ALA C 215 -6.21 -27.76 8.19
N ASP C 216 -5.00 -27.24 8.31
CA ASP C 216 -3.82 -28.05 8.26
C ASP C 216 -3.51 -28.74 9.59
N ALA C 217 -3.92 -28.14 10.70
CA ALA C 217 -3.74 -28.73 12.01
C ALA C 217 -4.88 -28.29 12.87
N VAL C 218 -5.46 -29.23 13.61
CA VAL C 218 -6.49 -28.90 14.55
C VAL C 218 -6.28 -29.52 15.95
N TYR C 219 -6.53 -28.71 16.97
CA TYR C 219 -6.15 -29.05 18.34
C TYR C 219 -7.14 -28.46 19.30
N GLU C 220 -7.15 -29.07 20.48
CA GLU C 220 -7.90 -28.60 21.64
C GLU C 220 -7.04 -27.61 22.36
N THR C 221 -5.74 -27.88 22.48
CA THR C 221 -4.80 -26.94 23.06
C THR C 221 -3.54 -27.10 22.26
N LEU C 222 -2.77 -26.04 22.11
CA LEU C 222 -1.61 -26.09 21.31
C LEU C 222 -0.61 -26.90 22.06
N PRO C 223 0.00 -27.88 21.41
CA PRO C 223 1.01 -28.63 22.06
C PRO C 223 2.30 -27.90 22.25
N GLU C 224 3.09 -28.40 23.18
CA GLU C 224 4.25 -27.69 23.69
C GLU C 224 5.29 -27.59 22.64
N SER C 225 5.22 -28.46 21.63
CA SER C 225 6.13 -28.36 20.53
C SER C 225 5.90 -27.12 19.60
N ILE C 226 4.72 -26.50 19.65
CA ILE C 226 4.51 -25.30 18.83
C ILE C 226 5.28 -24.19 19.50
N SER C 227 6.16 -23.58 18.76
CA SER C 227 6.99 -22.55 19.28
C SER C 227 6.16 -21.24 19.58
N PRO C 228 6.38 -20.58 20.71
CA PRO C 228 5.74 -19.27 20.83
C PRO C 228 6.25 -18.35 19.75
N GLY C 229 5.51 -17.30 19.44
CA GLY C 229 6.03 -16.29 18.51
C GLY C 229 6.23 -16.83 17.10
N SER C 230 5.35 -17.71 16.64
CA SER C 230 5.56 -18.35 15.32
C SER C 230 4.45 -18.15 14.28
N PHE C 231 3.32 -17.52 14.63
CA PHE C 231 2.22 -17.33 13.69
C PHE C 231 2.19 -15.90 13.17
N SER C 232 1.98 -15.72 11.86
CA SER C 232 1.98 -14.38 11.30
C SER C 232 0.69 -13.62 11.62
N ALA C 233 -0.38 -14.34 11.83
CA ALA C 233 -1.63 -13.72 12.24
C ALA C 233 -2.43 -14.70 13.12
N CYS C 234 -3.09 -14.15 14.12
CA CYS C 234 -3.97 -14.88 15.01
C CYS C 234 -5.36 -14.30 15.00
N PHE C 235 -6.35 -15.06 14.58
CA PHE C 235 -7.75 -14.63 14.51
C PHE C 235 -8.53 -15.28 15.62
N ASP C 236 -9.05 -14.46 16.54
CA ASP C 236 -9.77 -14.98 17.73
C ASP C 236 -11.25 -14.76 17.54
N PHE C 237 -11.97 -15.85 17.25
CA PHE C 237 -13.41 -15.79 17.10
C PHE C 237 -14.14 -15.99 18.44
N VAL C 238 -13.40 -16.09 19.53
CA VAL C 238 -14.01 -16.21 20.87
C VAL C 238 -13.84 -14.91 21.65
N SER C 239 -12.59 -14.46 21.80
CA SER C 239 -12.25 -13.16 22.40
C SER C 239 -12.64 -13.05 23.91
N VAL C 240 -12.20 -14.03 24.72
CA VAL C 240 -12.11 -13.86 26.17
C VAL C 240 -10.66 -13.70 26.45
N GLN C 241 -10.35 -13.32 27.68
CA GLN C 241 -8.97 -13.08 28.03
C GLN C 241 -8.04 -14.25 27.71
N ALA C 242 -8.45 -15.47 28.04
CA ALA C 242 -7.51 -16.61 27.92
C ALA C 242 -7.11 -16.82 26.42
N THR C 243 -8.05 -16.55 25.57
CA THR C 243 -7.92 -16.82 24.14
C THR C 243 -7.09 -15.66 23.49
N PHE C 244 -7.27 -14.45 24.03
CA PHE C 244 -6.40 -13.30 23.69
C PHE C 244 -4.98 -13.58 24.09
N ASP C 245 -4.78 -14.13 25.30
CA ASP C 245 -3.43 -14.42 25.77
C ASP C 245 -2.75 -15.46 24.92
N VAL C 246 -3.49 -16.43 24.44
CA VAL C 246 -2.85 -17.35 23.47
C VAL C 246 -2.45 -16.64 22.18
N CYS C 247 -3.28 -15.73 21.66
CA CYS C 247 -2.91 -15.00 20.45
C CYS C 247 -1.66 -14.23 20.69
N GLN C 248 -1.58 -13.59 21.85
CA GLN C 248 -0.40 -12.78 22.15
C GLN C 248 0.85 -13.59 22.40
N LYS C 249 0.72 -14.80 22.93
CA LYS C 249 1.92 -15.62 23.10
C LYS C 249 2.38 -16.21 21.76
N TYR C 250 1.46 -16.58 20.92
CA TYR C 250 1.85 -17.31 19.71
C TYR C 250 2.09 -16.45 18.46
N VAL C 251 1.64 -15.18 18.45
CA VAL C 251 1.88 -14.30 17.31
C VAL C 251 3.35 -13.93 17.22
N GLU C 252 3.89 -13.98 16.01
CA GLU C 252 5.25 -13.61 15.78
C GLU C 252 5.46 -12.09 15.84
N PRO C 253 6.73 -11.64 15.93
CA PRO C 253 7.03 -10.24 15.93
C PRO C 253 6.47 -9.60 14.66
N LYS C 254 5.91 -8.41 14.79
CA LYS C 254 5.27 -7.69 13.70
C LYS C 254 4.02 -8.33 13.20
N GLY C 255 3.53 -9.34 13.91
CA GLY C 255 2.36 -10.05 13.48
C GLY C 255 1.12 -9.37 13.95
N VAL C 256 -0.02 -9.92 13.59
CA VAL C 256 -1.28 -9.24 13.88
C VAL C 256 -2.22 -10.16 14.67
N ILE C 257 -2.89 -9.57 15.65
CA ILE C 257 -3.98 -10.24 16.37
C ILE C 257 -5.27 -9.59 15.95
N MET C 258 -6.25 -10.37 15.56
CA MET C 258 -7.53 -9.89 15.13
C MET C 258 -8.63 -10.43 16.07
N PRO C 259 -9.06 -9.62 17.02
CA PRO C 259 -10.11 -10.11 17.96
C PRO C 259 -11.48 -9.89 17.34
N VAL C 260 -11.95 -10.89 16.60
CA VAL C 260 -13.14 -10.79 15.83
C VAL C 260 -14.37 -11.19 16.66
N GLY C 261 -14.21 -12.12 17.58
CA GLY C 261 -15.28 -12.46 18.54
C GLY C 261 -15.57 -11.38 19.57
N LEU C 262 -16.68 -11.51 20.26
CA LEU C 262 -17.10 -10.54 21.26
C LEU C 262 -17.41 -11.21 22.61
N GLY C 263 -16.46 -11.93 23.18
CA GLY C 263 -16.71 -12.75 24.36
C GLY C 263 -16.48 -12.03 25.71
N ALA C 264 -15.86 -10.86 25.67
CA ALA C 264 -15.69 -10.02 26.82
C ALA C 264 -15.76 -8.57 26.42
N PRO C 265 -16.14 -7.70 27.37
CA PRO C 265 -16.33 -6.32 27.00
C PRO C 265 -15.03 -5.61 26.84
N ASN C 266 -13.99 -6.08 27.55
CA ASN C 266 -12.66 -5.48 27.59
C ASN C 266 -11.62 -6.59 27.57
N LEU C 267 -10.45 -6.33 26.99
CA LEU C 267 -9.37 -7.31 27.00
C LEU C 267 -8.14 -6.59 27.27
N SER C 268 -7.18 -7.29 27.86
CA SER C 268 -5.93 -6.65 28.13
C SER C 268 -4.78 -7.32 27.45
N PHE C 269 -3.77 -6.51 27.18
CA PHE C 269 -2.56 -6.99 26.51
C PHE C 269 -1.41 -6.62 27.33
N ASN C 270 -0.39 -7.44 27.24
CA ASN C 270 0.89 -7.13 27.82
C ASN C 270 1.62 -6.08 27.02
N LEU C 271 1.90 -4.93 27.63
CA LEU C 271 2.45 -3.78 26.91
C LEU C 271 3.86 -3.95 26.46
N GLY C 272 4.71 -4.43 27.38
CA GLY C 272 6.11 -4.58 27.09
C GLY C 272 6.29 -5.49 25.91
N ASP C 273 5.51 -6.56 25.89
CA ASP C 273 5.56 -7.49 24.79
C ASP C 273 5.03 -6.89 23.45
N LEU C 274 3.89 -6.23 23.52
CA LEU C 274 3.35 -5.59 22.31
C LEU C 274 4.32 -4.55 21.70
N ALA C 275 4.94 -3.73 22.54
CA ALA C 275 5.86 -2.73 22.10
C ALA C 275 7.14 -3.35 21.55
N LEU C 276 7.75 -4.22 22.35
CA LEU C 276 9.05 -4.80 22.03
C LEU C 276 9.02 -5.64 20.75
N ARG C 277 7.94 -6.39 20.54
CA ARG C 277 7.88 -7.24 19.34
C ARG C 277 6.99 -6.63 18.23
N GLU C 278 6.52 -5.41 18.47
CA GLU C 278 5.74 -4.61 17.51
C GLU C 278 4.49 -5.32 17.02
N ILE C 279 3.70 -5.83 17.96
CA ILE C 279 2.52 -6.57 17.62
C ILE C 279 1.45 -5.56 17.29
N ARG C 280 0.53 -5.94 16.41
CA ARG C 280 -0.55 -5.09 16.00
C ARG C 280 -1.86 -5.75 16.35
N ILE C 281 -2.82 -4.99 16.87
CA ILE C 281 -4.14 -5.49 17.18
C ILE C 281 -5.07 -4.67 16.30
N LEU C 282 -5.81 -5.30 15.43
CA LEU C 282 -6.66 -4.62 14.49
C LEU C 282 -8.11 -4.98 14.68
N GLY C 283 -8.95 -3.97 14.92
CA GLY C 283 -10.38 -4.19 14.95
C GLY C 283 -10.96 -4.34 13.55
N SER C 284 -12.00 -5.16 13.47
CA SER C 284 -12.65 -5.57 12.27
C SER C 284 -14.15 -5.68 12.53
N PHE C 285 -14.94 -5.07 11.67
CA PHE C 285 -16.39 -5.07 11.81
C PHE C 285 -17.10 -5.35 10.53
N TRP C 286 -17.77 -6.50 10.50
CA TRP C 286 -18.65 -6.89 9.36
C TRP C 286 -17.82 -6.86 8.06
N GLY C 287 -18.32 -6.14 7.04
CA GLY C 287 -17.54 -5.85 5.83
C GLY C 287 -18.14 -4.75 4.97
N THR C 288 -17.41 -4.38 3.95
CA THR C 288 -17.77 -3.32 3.02
C THR C 288 -18.50 -3.91 1.80
N THR C 289 -19.09 -3.01 1.04
CA THR C 289 -19.74 -3.30 -0.20
C THR C 289 -18.81 -4.00 -1.21
N ASN C 290 -17.66 -3.46 -1.40
CA ASN C 290 -16.67 -4.13 -2.25
C ASN C 290 -16.23 -5.51 -1.71
N ASP C 291 -16.17 -5.67 -0.40
CA ASP C 291 -15.81 -6.97 0.18
C ASP C 291 -16.86 -8.00 -0.16
N LEU C 292 -18.11 -7.57 -0.16
CA LEU C 292 -19.16 -8.46 -0.53
C LEU C 292 -19.09 -8.90 -2.01
N ASP C 293 -18.78 -7.99 -2.93
CA ASP C 293 -18.39 -8.36 -4.34
C ASP C 293 -17.32 -9.43 -4.34
N ASP C 294 -16.23 -9.24 -3.57
CA ASP C 294 -15.20 -10.19 -3.50
C ASP C 294 -15.71 -11.57 -2.99
N VAL C 295 -16.54 -11.56 -1.97
CA VAL C 295 -16.95 -12.79 -1.35
C VAL C 295 -17.80 -13.57 -2.32
N LEU C 296 -18.68 -12.87 -3.03
CA LEU C 296 -19.56 -13.53 -3.98
C LEU C 296 -18.80 -14.08 -5.20
N LYS C 297 -17.72 -13.45 -5.59
CA LYS C 297 -16.80 -14.00 -6.56
C LYS C 297 -16.15 -15.31 -6.03
N LEU C 298 -15.63 -15.31 -4.82
CA LEU C 298 -15.04 -16.53 -4.28
C LEU C 298 -16.03 -17.68 -4.22
N VAL C 299 -17.25 -17.36 -3.80
CA VAL C 299 -18.29 -18.34 -3.76
C VAL C 299 -18.65 -18.82 -5.17
N SER C 300 -18.73 -17.89 -6.11
CA SER C 300 -18.98 -18.21 -7.51
C SER C 300 -17.94 -19.19 -8.09
N GLU C 301 -16.68 -18.98 -7.78
CA GLU C 301 -15.59 -19.76 -8.28
C GLU C 301 -15.36 -21.04 -7.48
N GLY C 302 -16.25 -21.36 -6.55
CA GLY C 302 -16.15 -22.60 -5.80
C GLY C 302 -15.14 -22.60 -4.67
N LYS C 303 -14.49 -21.47 -4.44
CA LYS C 303 -13.43 -21.39 -3.42
C LYS C 303 -13.98 -21.49 -2.00
N VAL C 304 -15.21 -21.03 -1.81
CA VAL C 304 -15.83 -21.03 -0.51
C VAL C 304 -17.21 -21.57 -0.73
N LYS C 305 -17.62 -22.51 0.12
CA LYS C 305 -18.93 -23.14 -0.02
C LYS C 305 -19.61 -23.03 1.33
N PRO C 306 -20.41 -21.96 1.54
CA PRO C 306 -21.11 -21.82 2.81
C PRO C 306 -22.14 -22.92 3.01
N VAL C 307 -22.34 -23.36 4.25
CA VAL C 307 -23.34 -24.40 4.54
C VAL C 307 -24.73 -23.81 4.84
N VAL C 308 -25.72 -24.14 4.01
CA VAL C 308 -27.03 -23.51 4.08
C VAL C 308 -28.17 -24.51 3.85
N ARG C 309 -29.19 -24.48 4.72
CA ARG C 309 -30.47 -25.16 4.48
C ARG C 309 -31.59 -24.12 4.28
N SER C 310 -32.50 -24.38 3.34
CA SER C 310 -33.59 -23.42 3.00
C SER C 310 -34.93 -23.76 3.64
N ALA C 311 -35.76 -22.75 3.88
CA ALA C 311 -37.12 -22.96 4.37
C ALA C 311 -38.01 -21.79 3.96
N LYS C 312 -39.32 -21.94 4.11
CA LYS C 312 -40.25 -20.85 3.78
C LYS C 312 -40.19 -19.81 4.88
N LEU C 313 -40.30 -18.54 4.50
CA LEU C 313 -40.24 -17.44 5.47
C LEU C 313 -41.29 -17.60 6.58
N LYS C 314 -42.49 -18.07 6.23
CA LYS C 314 -43.53 -18.36 7.26
C LYS C 314 -43.07 -19.29 8.39
N GLU C 315 -42.12 -20.17 8.11
CA GLU C 315 -41.54 -21.04 9.14
C GLU C 315 -40.60 -20.31 10.13
N LEU C 316 -40.32 -19.02 9.91
CA LEU C 316 -39.30 -18.31 10.68
C LEU C 316 -39.44 -18.46 12.20
N PRO C 317 -40.65 -18.24 12.75
CA PRO C 317 -40.76 -18.38 14.22
C PRO C 317 -40.32 -19.75 14.77
N GLU C 318 -40.56 -20.83 14.01
CA GLU C 318 -40.18 -22.17 14.45
C GLU C 318 -38.66 -22.31 14.49
N TYR C 319 -37.97 -21.75 13.51
CA TYR C 319 -36.52 -21.83 13.49
C TYR C 319 -35.86 -20.92 14.51
N ILE C 320 -36.48 -19.79 14.79
CA ILE C 320 -35.96 -18.90 15.84
C ILE C 320 -35.90 -19.68 17.16
N GLU C 321 -36.98 -20.37 17.52
CA GLU C 321 -37.01 -21.15 18.77
C GLU C 321 -35.96 -22.25 18.80
N LYS C 322 -35.86 -22.97 17.70
CA LYS C 322 -34.83 -23.99 17.57
C LYS C 322 -33.42 -23.51 17.82
N LEU C 323 -33.04 -22.36 17.23
CA LEU C 323 -31.69 -21.79 17.37
C LEU C 323 -31.47 -21.34 18.80
N ARG C 324 -32.49 -20.76 19.41
CA ARG C 324 -32.44 -20.44 20.82
C ARG C 324 -32.10 -21.69 21.62
N ASN C 325 -32.88 -22.75 21.43
CA ASN C 325 -32.61 -24.00 22.12
C ASN C 325 -31.42 -24.72 21.51
N ASN C 326 -30.82 -24.05 20.53
CA ASN C 326 -29.55 -24.37 19.91
C ASN C 326 -28.70 -25.34 20.68
N VAL C 332 -29.42 -21.40 8.39
CA VAL C 332 -30.69 -21.44 7.64
C VAL C 332 -31.05 -20.11 6.98
N VAL C 333 -31.56 -20.21 5.75
CA VAL C 333 -32.09 -19.06 5.02
C VAL C 333 -33.57 -19.29 4.64
N PHE C 334 -34.29 -18.19 4.41
CA PHE C 334 -35.71 -18.24 4.14
C PHE C 334 -36.12 -17.61 2.81
N ASN C 335 -37.03 -18.30 2.11
CA ASN C 335 -37.65 -17.81 0.86
C ASN C 335 -39.06 -17.23 1.14
N PRO C 336 -39.25 -15.91 0.98
CA PRO C 336 -40.58 -15.29 1.26
C PRO C 336 -41.73 -15.75 0.34
N PRO D 25 41.01 -0.22 30.06
CA PRO D 25 41.01 -1.64 29.70
C PRO D 25 40.24 -1.87 28.40
N VAL D 26 40.87 -1.50 27.31
CA VAL D 26 40.15 -1.24 26.07
C VAL D 26 40.22 -2.46 25.15
N HIS D 27 39.27 -2.52 24.22
CA HIS D 27 39.32 -3.45 23.09
C HIS D 27 40.15 -2.80 21.98
N LYS D 28 40.47 -3.60 20.98
CA LYS D 28 40.96 -3.05 19.70
C LYS D 28 40.75 -3.90 18.39
N PRO D 29 39.99 -5.01 18.44
CA PRO D 29 39.95 -5.85 17.23
C PRO D 29 39.19 -5.27 16.05
N LYS D 30 39.65 -5.57 14.84
CA LYS D 30 38.79 -5.48 13.65
C LYS D 30 39.03 -6.55 12.60
N ALA D 31 38.21 -7.60 12.56
CA ALA D 31 38.08 -8.35 11.32
C ALA D 31 36.98 -7.89 10.32
N GLY D 32 35.66 -8.03 10.59
CA GLY D 32 34.57 -7.37 9.78
C GLY D 32 34.00 -6.16 10.51
N GLN D 33 34.88 -5.60 11.31
CA GLN D 33 34.54 -4.69 12.34
C GLN D 33 35.17 -3.36 12.09
N LEU D 34 34.82 -2.41 12.95
CA LEU D 34 35.44 -1.10 12.96
C LEU D 34 35.59 -0.60 14.33
N LEU D 35 36.45 0.41 14.44
CA LEU D 35 36.72 1.07 15.70
C LEU D 35 36.17 2.48 15.65
N LEU D 36 35.35 2.80 16.65
CA LEU D 36 34.68 4.09 16.76
C LEU D 36 35.20 4.83 18.00
N LYS D 37 35.79 5.99 17.76
CA LYS D 37 36.15 6.88 18.87
C LYS D 37 34.89 7.64 19.29
N VAL D 38 34.47 7.47 20.55
CA VAL D 38 33.22 8.05 21.04
C VAL D 38 33.36 9.57 21.22
N ASP D 39 32.52 10.35 20.54
CA ASP D 39 32.51 11.80 20.70
C ASP D 39 31.42 12.25 21.68
N ALA D 40 30.28 11.56 21.71
CA ALA D 40 29.18 11.93 22.62
C ALA D 40 28.32 10.72 22.88
N VAL D 41 27.80 10.65 24.09
CA VAL D 41 26.87 9.60 24.49
C VAL D 41 25.80 10.22 25.36
N GLY D 42 24.56 9.76 25.17
CA GLY D 42 23.37 10.24 25.89
C GLY D 42 22.98 9.34 27.03
N LEU D 43 22.14 9.82 27.96
CA LEU D 43 21.72 9.02 29.12
C LEU D 43 20.29 8.49 29.12
N ASP D 47 16.64 3.59 31.03
CA ASP D 47 17.64 3.26 32.04
C ASP D 47 16.99 3.03 33.41
N LEU D 48 16.02 3.87 33.76
CA LEU D 48 15.39 3.80 35.08
C LEU D 48 14.65 2.48 35.26
N HIS D 49 13.92 2.04 34.24
CA HIS D 49 13.21 0.77 34.32
C HIS D 49 14.22 -0.36 34.53
N VAL D 50 15.42 -0.21 33.94
CA VAL D 50 16.50 -1.21 34.06
C VAL D 50 17.02 -1.25 35.48
N ILE D 51 17.11 -0.55 35.67
CA ILE D 51 17.63 -0.23 37.00
C ILE D 51 16.50 0.14 38.00
N ASN D 60 26.54 -7.64 32.75
CA ASN D 60 27.96 -7.32 32.77
C ASN D 60 28.36 -6.67 31.46
N TYR D 61 27.83 -5.48 31.20
CA TYR D 61 28.11 -4.75 29.95
C TYR D 61 28.20 -3.26 30.25
N VAL D 62 28.98 -2.53 29.44
CA VAL D 62 29.05 -1.08 29.52
C VAL D 62 27.72 -0.52 29.03
N MET D 63 27.07 0.33 29.83
CA MET D 63 25.78 0.92 29.47
C MET D 63 25.96 2.24 28.72
N HIS D 65 23.47 3.74 25.59
CA HIS D 65 22.87 3.32 24.32
C HIS D 65 22.54 4.43 23.27
N GLU D 66 23.04 5.64 23.48
CA GLU D 66 22.83 6.79 22.61
C GLU D 66 24.18 7.32 22.22
N ILE D 67 24.71 6.84 21.10
CA ILE D 67 26.13 6.98 20.81
C ILE D 67 26.45 7.62 19.47
N ALA D 68 27.33 8.61 19.50
CA ALA D 68 27.88 9.27 18.31
C ALA D 68 29.41 9.30 18.37
N GLY D 69 30.08 9.11 17.24
CA GLY D 69 31.54 9.13 17.20
C GLY D 69 32.16 9.20 15.82
N THR D 70 33.47 8.94 15.77
CA THR D 70 34.30 9.04 14.56
C THR D 70 35.15 7.80 14.38
N VAL D 71 35.40 7.42 13.14
CA VAL D 71 36.19 6.20 12.87
C VAL D 71 37.72 6.42 12.94
N ASN D 80 32.35 0.23 3.23
CA ASN D 80 31.34 1.27 3.47
C ASN D 80 31.78 2.42 4.39
N TYR D 81 32.83 2.23 5.19
CA TYR D 81 33.31 3.26 6.10
C TYR D 81 34.81 3.42 5.99
N LYS D 82 35.29 4.63 6.24
CA LYS D 82 36.70 4.94 6.18
C LYS D 82 37.05 5.79 7.41
N VAL D 83 38.32 5.75 7.79
CA VAL D 83 38.81 6.50 8.96
C VAL D 83 38.38 7.95 8.80
N GLY D 84 37.96 8.59 9.89
CA GLY D 84 37.39 9.95 9.81
C GLY D 84 35.88 10.07 9.61
N ASP D 85 35.18 9.01 9.17
CA ASP D 85 33.70 9.08 9.05
C ASP D 85 33.03 9.30 10.40
N ARG D 86 32.07 10.23 10.45
CA ARG D 86 31.33 10.46 11.67
C ARG D 86 30.05 9.62 11.62
N VAL D 87 29.77 8.87 12.67
CA VAL D 87 28.67 7.88 12.66
C VAL D 87 27.97 7.80 13.99
N ALA D 88 26.68 7.44 13.96
CA ALA D 88 25.90 7.21 15.17
C ALA D 88 25.44 5.77 15.19
N CYS D 89 25.22 5.22 16.39
CA CYS D 89 24.90 3.82 16.55
C CYS D 89 23.41 3.56 16.62
N VAL D 90 22.99 2.50 15.92
CA VAL D 90 21.61 2.07 15.89
C VAL D 90 21.47 1.02 17.00
N GLY D 91 20.93 1.50 18.13
CA GLY D 91 20.79 0.72 19.35
C GLY D 91 20.43 -0.75 19.24
N PRO D 92 19.37 -1.11 18.49
CA PRO D 92 18.93 -2.53 18.42
C PRO D 92 19.93 -3.49 17.81
N ASN D 93 20.91 -2.94 17.10
CA ASN D 93 22.08 -3.73 16.74
C ASN D 93 21.69 -5.07 16.09
N GLY D 94 20.79 -5.06 15.12
CA GLY D 94 20.32 -6.29 14.47
C GLY D 94 21.40 -7.16 13.82
N CYS D 95 21.14 -8.47 13.74
CA CYS D 95 22.10 -9.44 13.16
C CYS D 95 22.41 -9.23 11.67
N GLY D 96 21.47 -8.69 10.91
CA GLY D 96 21.69 -8.45 9.48
C GLY D 96 21.46 -9.65 8.57
N GLY D 97 21.21 -10.83 9.15
CA GLY D 97 21.06 -12.07 8.37
C GLY D 97 19.71 -12.75 8.46
N CYS D 98 18.81 -12.31 9.34
CA CYS D 98 17.51 -13.00 9.50
C CYS D 98 16.43 -12.32 8.63
N LYS D 99 15.23 -12.91 8.62
CA LYS D 99 14.15 -12.37 7.80
C LYS D 99 13.69 -10.97 8.27
N TYR D 100 13.75 -10.71 9.59
CA TYR D 100 13.37 -9.39 10.11
C TYR D 100 14.37 -8.34 9.62
N CYS D 101 15.66 -8.62 9.75
CA CYS D 101 16.68 -7.67 9.32
C CYS D 101 16.64 -7.42 7.79
N ARG D 102 16.21 -8.41 7.02
CA ARG D 102 16.38 -8.33 5.56
C ARG D 102 15.32 -7.70 4.59
N GLY D 103 14.02 -7.52 4.88
CA GLY D 103 13.38 -7.39 6.17
C GLY D 103 12.78 -5.97 6.29
N ALA D 104 13.67 -4.99 6.43
CA ALA D 104 13.36 -3.59 6.80
C ALA D 104 12.92 -3.41 8.27
N ILE D 105 13.04 -4.45 9.07
CA ILE D 105 12.64 -4.36 10.45
C ILE D 105 13.74 -4.91 11.37
N ASP D 106 14.94 -4.33 11.23
CA ASP D 106 16.07 -4.80 12.01
C ASP D 106 15.93 -4.47 13.50
N ASN D 107 14.94 -3.65 13.86
CA ASN D 107 14.71 -3.36 15.27
C ASN D 107 14.11 -4.51 16.05
N VAL D 108 13.47 -5.47 15.37
CA VAL D 108 12.81 -6.60 16.09
C VAL D 108 13.55 -7.94 15.85
N CYS D 109 14.84 -7.86 15.52
CA CYS D 109 15.67 -9.03 15.32
C CYS D 109 15.71 -9.94 16.55
N LYS D 110 15.23 -11.20 16.42
CA LYS D 110 15.27 -12.21 17.49
C LYS D 110 16.69 -12.59 17.89
N ASN D 111 17.56 -12.79 16.90
CA ASN D 111 18.99 -13.04 17.20
C ASN D 111 19.74 -11.95 18.03
N ALA D 112 19.26 -10.70 18.07
CA ALA D 112 19.95 -9.61 18.77
C ALA D 112 19.35 -9.29 20.15
N PHE D 113 18.31 -10.01 20.56
CA PHE D 113 17.73 -9.81 21.89
C PHE D 113 18.86 -10.02 22.87
N GLY D 114 19.02 -9.08 23.80
CA GLY D 114 20.13 -9.15 24.75
C GLY D 114 21.47 -8.71 24.18
N ASP D 115 21.51 -8.22 22.94
CA ASP D 115 22.77 -7.75 22.33
C ASP D 115 22.69 -6.31 21.79
N TRP D 116 21.79 -5.50 22.36
CA TRP D 116 21.67 -4.09 21.96
C TRP D 116 22.82 -3.26 22.54
N PHE D 117 23.27 -2.22 21.81
CA PHE D 117 24.32 -1.29 22.29
C PHE D 117 23.92 -0.72 23.65
N GLY D 118 24.75 -0.96 24.67
CA GLY D 118 24.52 -0.43 26.02
C GLY D 118 23.36 -1.05 26.79
N LEU D 119 22.79 -2.13 26.25
CA LEU D 119 21.66 -2.82 26.88
C LEU D 119 21.77 -4.34 26.58
N GLY D 120 22.88 -4.92 27.02
CA GLY D 120 23.20 -6.33 26.80
C GLY D 120 24.58 -6.45 26.19
N TYR D 121 24.82 -5.70 25.13
CA TYR D 121 26.16 -5.55 24.58
C TYR D 121 26.72 -4.22 25.11
N TYR D 125 28.81 4.77 27.46
CA TYR D 125 29.57 5.23 28.67
C TYR D 125 31.04 4.72 28.77
N GLN D 126 31.87 5.02 27.76
CA GLN D 126 33.22 4.43 27.58
C GLN D 126 33.96 5.19 26.47
N GLN D 127 35.27 5.04 26.33
CA GLN D 127 36.03 5.96 25.46
C GLN D 127 36.27 5.46 24.05
N TYR D 128 36.34 4.15 23.87
CA TYR D 128 36.45 3.55 22.54
C TYR D 128 35.51 2.34 22.43
N LEU D 129 34.77 2.25 21.33
CA LEU D 129 33.82 1.14 21.11
C LEU D 129 34.18 0.39 19.81
N LEU D 130 34.47 -0.89 19.95
CA LEU D 130 34.68 -1.74 18.79
C LEU D 130 33.28 -2.08 18.33
N VAL D 131 32.97 -1.69 17.09
CA VAL D 131 31.66 -1.95 16.52
C VAL D 131 31.70 -3.27 15.73
N THR D 132 31.01 -4.30 16.25
CA THR D 132 30.99 -5.63 15.64
C THR D 132 30.23 -5.72 14.35
N ARG D 133 29.20 -4.92 14.24
CA ARG D 133 28.26 -5.02 13.13
C ARG D 133 28.08 -3.63 12.54
N PRO D 134 29.03 -3.22 11.65
CA PRO D 134 28.98 -1.86 11.11
C PRO D 134 27.73 -1.55 10.32
N ARG D 135 26.94 -2.54 9.92
CA ARG D 135 25.67 -2.25 9.28
C ARG D 135 24.77 -1.37 10.19
N ASN D 136 24.95 -1.49 11.51
CA ASN D 136 24.13 -0.79 12.50
C ASN D 136 24.71 0.59 12.89
N LEU D 137 25.15 1.33 11.87
CA LEU D 137 25.72 2.67 12.03
C LEU D 137 25.03 3.55 11.03
N SER D 138 24.92 4.82 11.35
CA SER D 138 24.37 5.80 10.43
C SER D 138 25.34 6.98 10.35
N ARG D 139 25.57 7.49 9.16
CA ARG D 139 26.51 8.61 8.93
C ARG D 139 25.90 9.90 9.44
N ILE D 140 26.63 10.62 10.26
CA ILE D 140 26.19 11.91 10.77
C ILE D 140 26.45 12.99 9.73
N PRO D 141 25.44 13.78 9.36
CA PRO D 141 25.74 14.84 8.35
C PRO D 141 26.71 15.91 8.89
N ASP D 142 27.45 16.56 7.99
CA ASP D 142 28.54 17.46 8.39
C ASP D 142 28.09 18.58 9.31
N ASN D 143 26.91 19.11 9.06
CA ASN D 143 26.40 20.21 9.87
C ASN D 143 25.71 19.80 11.16
N VAL D 144 25.77 18.52 11.52
CA VAL D 144 25.17 18.05 12.76
C VAL D 144 26.25 17.65 13.72
N SER D 145 26.15 18.16 14.94
CA SER D 145 27.17 17.94 15.94
C SER D 145 27.01 16.58 16.54
N ALA D 146 28.07 16.08 17.17
CA ALA D 146 28.04 14.77 17.76
C ALA D 146 27.08 14.73 18.93
N ASP D 147 27.00 15.81 19.69
CA ASP D 147 26.05 15.91 20.80
C ASP D 147 24.58 15.77 20.36
N VAL D 148 24.22 16.48 19.29
CA VAL D 148 22.85 16.46 18.78
C VAL D 148 22.55 15.07 18.19
N ALA D 149 23.51 14.49 17.49
CA ALA D 149 23.37 13.15 16.92
C ALA D 149 23.14 12.17 18.02
N ALA D 150 23.93 12.25 19.07
CA ALA D 150 23.75 11.30 20.14
C ALA D 150 22.36 11.43 20.71
N ALA D 151 21.91 12.65 20.93
CA ALA D 151 20.58 12.87 21.47
C ALA D 151 19.47 12.47 20.52
N SER D 152 19.78 12.31 19.22
CA SER D 152 18.81 11.84 18.22
C SER D 152 18.60 10.31 18.15
N THR D 153 19.50 9.54 18.75
CA THR D 153 19.54 8.08 18.50
C THR D 153 18.46 7.31 19.20
N ASP D 154 17.75 7.98 20.12
CA ASP D 154 16.67 7.37 20.82
C ASP D 154 15.53 8.36 21.01
N ALA D 155 15.83 9.50 21.62
CA ALA D 155 14.82 10.54 21.90
C ALA D 155 14.08 11.05 20.65
N VAL D 156 14.76 11.08 19.52
CA VAL D 156 14.11 11.42 18.25
C VAL D 156 13.73 10.16 17.46
N LEU D 157 14.64 9.19 17.40
CA LEU D 157 14.44 7.98 16.61
C LEU D 157 13.17 7.27 16.99
N THR D 158 12.92 7.14 18.29
CA THR D 158 11.78 6.38 18.74
C THR D 158 10.44 7.02 18.29
N PRO D 159 10.22 8.35 18.53
CA PRO D 159 8.99 8.92 18.03
C PRO D 159 8.95 9.02 16.50
N TYR D 160 10.08 9.23 15.85
CA TYR D 160 10.09 9.17 14.37
C TYR D 160 9.58 7.79 13.84
N HIS D 161 10.10 6.71 14.39
CA HIS D 161 9.67 5.38 13.94
C HIS D 161 8.15 5.15 14.11
N ALA D 162 7.60 5.60 15.22
CA ALA D 162 6.18 5.48 15.53
C ALA D 162 5.31 6.36 14.63
N ILE D 163 5.76 7.59 14.41
CA ILE D 163 5.02 8.48 13.56
C ILE D 163 5.00 7.99 12.11
N LYS D 164 6.12 7.51 11.63
CA LYS D 164 6.23 6.93 10.30
C LYS D 164 5.35 5.70 10.21
N MET D 165 5.36 4.87 11.26
CA MET D 165 4.50 3.68 11.24
C MET D 165 3.02 4.06 11.16
N ALA D 166 2.64 5.14 11.82
CA ALA D 166 1.24 5.54 11.85
C ALA D 166 0.81 6.21 10.52
N GLN D 167 1.75 6.48 9.63
CA GLN D 167 1.47 7.07 8.33
C GLN D 167 0.88 8.44 8.43
N VAL D 168 1.45 9.24 9.31
CA VAL D 168 1.03 10.60 9.51
C VAL D 168 1.31 11.44 8.26
N SER D 169 0.41 12.36 7.92
CA SER D 169 0.50 13.15 6.69
C SER D 169 -0.02 14.57 7.00
N PRO D 170 0.00 15.46 6.01
CA PRO D 170 -0.48 16.81 6.26
C PRO D 170 -1.98 16.89 6.49
N THR D 171 -2.73 15.81 6.33
CA THR D 171 -4.14 15.86 6.72
C THR D 171 -4.40 15.21 8.05
N SER D 172 -3.37 14.78 8.78
CA SER D 172 -3.58 14.10 10.04
C SER D 172 -3.95 15.11 11.12
N ASN D 173 -4.78 14.66 12.05
CA ASN D 173 -5.13 15.43 13.22
C ASN D 173 -4.80 14.56 14.43
N ILE D 174 -3.66 14.82 15.06
CA ILE D 174 -3.14 13.90 16.07
C ILE D 174 -3.12 14.43 17.52
N LEU D 175 -3.23 13.48 18.44
CA LEU D 175 -3.14 13.72 19.87
C LEU D 175 -1.90 13.08 20.38
N LEU D 176 -1.06 13.84 21.09
CA LEU D 176 0.09 13.29 21.79
C LEU D 176 -0.12 13.48 23.31
N ILE D 177 0.04 12.41 24.09
CA ILE D 177 -0.05 12.49 25.55
C ILE D 177 1.31 12.35 26.13
N GLY D 178 1.80 13.39 26.77
CA GLY D 178 3.16 13.36 27.37
C GLY D 178 4.19 14.06 26.52
N ALA D 179 4.59 15.27 26.90
CA ALA D 179 5.56 16.05 26.15
C ALA D 179 6.94 16.16 26.79
N GLY D 180 7.53 15.06 27.21
CA GLY D 180 8.88 15.07 27.75
C GLY D 180 9.95 14.76 26.73
N GLY D 181 10.95 13.98 27.11
CA GLY D 181 12.06 13.67 26.22
C GLY D 181 11.58 13.19 24.84
N LEU D 182 10.78 12.13 24.84
CA LEU D 182 10.25 11.59 23.60
C LEU D 182 9.18 12.49 23.02
N GLY D 183 8.21 12.85 23.84
CA GLY D 183 7.07 13.62 23.38
C GLY D 183 7.46 14.92 22.70
N GLY D 184 8.44 15.64 23.23
CA GLY D 184 8.80 16.93 22.71
C GLY D 184 9.37 16.77 21.32
N ASN D 185 10.23 15.75 21.16
CA ASN D 185 10.70 15.47 19.82
C ASN D 185 9.59 14.99 18.90
N ALA D 186 8.61 14.26 19.42
CA ALA D 186 7.50 13.81 18.64
C ALA D 186 6.70 14.97 18.07
N ILE D 187 6.64 16.08 18.82
CA ILE D 187 5.95 17.27 18.33
C ILE D 187 6.62 17.74 17.10
N GLN D 188 7.92 17.90 17.16
CA GLN D 188 8.62 18.43 16.03
C GLN D 188 8.58 17.44 14.82
N VAL D 189 8.73 16.14 15.08
CA VAL D 189 8.71 15.18 13.98
C VAL D 189 7.34 15.22 13.33
N ALA D 190 6.30 15.24 14.13
CA ALA D 190 4.96 15.25 13.59
C ALA D 190 4.71 16.49 12.71
N LYS D 191 5.17 17.66 13.15
CA LYS D 191 4.96 18.88 12.44
C LYS D 191 5.70 18.76 11.17
N ALA D 192 6.86 18.13 11.16
CA ALA D 192 7.59 18.03 9.91
C ALA D 192 6.85 17.15 8.91
N PHE D 193 6.02 16.20 9.37
CA PHE D 193 5.17 15.38 8.49
C PHE D 193 3.92 16.19 8.08
N GLY D 194 3.72 17.38 8.62
CA GLY D 194 2.62 18.28 8.20
C GLY D 194 1.41 18.20 9.10
N ALA D 195 1.47 17.39 10.14
CA ALA D 195 0.27 17.15 10.93
C ALA D 195 -0.13 18.34 11.79
N LYS D 196 -1.43 18.40 12.10
CA LYS D 196 -1.91 19.20 13.21
C LYS D 196 -1.69 18.39 14.51
N VAL D 197 -1.14 19.04 15.52
CA VAL D 197 -0.73 18.38 16.74
C VAL D 197 -1.35 19.01 18.00
N THR D 198 -2.07 18.20 18.76
CA THR D 198 -2.62 18.56 20.07
C THR D 198 -1.84 17.78 21.12
N VAL D 199 -1.39 18.47 22.16
CA VAL D 199 -0.60 17.87 23.25
C VAL D 199 -1.35 17.95 24.62
N LEU D 200 -1.33 16.85 25.35
CA LEU D 200 -1.79 16.81 26.75
C LEU D 200 -0.61 16.55 27.61
N ASP D 201 -0.41 17.37 28.65
CA ASP D 201 0.61 17.07 29.63
C ASP D 201 0.18 17.65 30.99
N LYS D 202 0.47 16.92 32.07
CA LYS D 202 0.06 17.33 33.45
C LYS D 202 0.92 18.44 33.97
N LYS D 203 2.14 18.55 33.44
CA LYS D 203 3.13 19.47 33.96
C LYS D 203 3.14 20.77 33.16
N LYS D 204 2.92 21.87 33.86
CA LYS D 204 2.86 23.20 33.27
C LYS D 204 4.06 23.48 32.39
N GLU D 205 5.25 23.14 32.86
CA GLU D 205 6.45 23.46 32.13
C GLU D 205 6.52 22.69 30.79
N ALA D 206 5.96 21.49 30.78
CA ALA D 206 5.99 20.65 29.58
C ALA D 206 4.97 21.23 28.63
N ARG D 207 3.87 21.74 29.15
CA ARG D 207 2.93 22.40 28.29
C ARG D 207 3.54 23.64 27.64
N ASP D 208 4.30 24.42 28.40
CA ASP D 208 4.97 25.62 27.86
C ASP D 208 5.98 25.24 26.75
N GLN D 209 6.84 24.26 27.02
CA GLN D 209 7.78 23.76 26.03
C GLN D 209 7.07 23.26 24.75
N ALA D 210 5.97 22.54 24.94
CA ALA D 210 5.18 22.04 23.83
C ALA D 210 4.69 23.18 22.92
N LYS D 211 4.20 24.27 23.52
CA LYS D 211 3.81 25.49 22.76
C LYS D 211 5.01 26.05 21.98
N LYS D 212 6.18 26.12 22.61
CA LYS D 212 7.37 26.65 21.92
C LYS D 212 7.84 25.76 20.79
N LEU D 213 7.66 24.45 20.91
CA LEU D 213 8.13 23.52 19.90
C LEU D 213 7.17 23.40 18.68
N GLY D 214 6.04 24.10 18.68
CA GLY D 214 5.11 24.14 17.54
C GLY D 214 3.74 23.45 17.66
N ALA D 215 3.39 22.88 18.82
CA ALA D 215 2.09 22.24 18.92
C ALA D 215 0.97 23.21 18.57
N ASP D 216 -0.11 22.75 17.94
CA ASP D 216 -1.18 23.61 17.56
C ASP D 216 -2.17 23.87 18.70
N ALA D 217 -2.25 22.96 19.63
CA ALA D 217 -3.04 23.16 20.85
C ALA D 217 -2.38 22.40 21.96
N VAL D 218 -2.32 23.01 23.14
CA VAL D 218 -1.87 22.29 24.31
C VAL D 218 -2.76 22.48 25.55
N TYR D 219 -2.96 21.38 26.26
CA TYR D 219 -3.95 21.32 27.34
C TYR D 219 -3.46 20.40 28.42
N GLU D 220 -4.09 20.57 29.59
CA GLU D 220 -3.93 19.68 30.72
C GLU D 220 -4.92 18.59 30.64
N THR D 221 -6.15 18.93 30.25
CA THR D 221 -7.18 17.94 29.97
C THR D 221 -7.91 18.45 28.77
N LEU D 222 -8.43 17.56 27.97
CA LEU D 222 -9.11 17.96 26.77
C LEU D 222 -10.43 18.61 27.19
N PRO D 223 -10.73 19.77 26.64
CA PRO D 223 -11.95 20.43 26.95
C PRO D 223 -13.12 19.78 26.26
N GLU D 224 -14.29 20.12 26.77
CA GLU D 224 -15.55 19.52 26.44
C GLU D 224 -15.91 19.79 25.00
N SER D 225 -15.39 20.88 24.45
CA SER D 225 -15.60 21.19 23.05
C SER D 225 -14.89 20.23 22.08
N ILE D 226 -13.87 19.46 22.53
CA ILE D 226 -13.22 18.53 21.61
C ILE D 226 -14.12 17.32 21.48
N SER D 227 -14.54 17.07 20.27
CA SER D 227 -15.43 15.94 20.02
C SER D 227 -14.71 14.56 20.28
N PRO D 228 -15.39 13.60 20.87
CA PRO D 228 -14.76 12.27 20.85
C PRO D 228 -14.59 11.79 19.41
N GLY D 229 -13.75 10.80 19.19
CA GLY D 229 -13.70 10.15 17.88
C GLY D 229 -13.25 11.12 16.80
N SER D 230 -12.31 12.02 17.10
CA SER D 230 -11.92 13.05 16.12
C SER D 230 -10.43 13.10 15.72
N PHE D 231 -9.56 12.29 16.32
CA PHE D 231 -8.15 12.31 16.02
C PHE D 231 -7.78 11.09 15.17
N SER D 232 -7.00 11.30 14.12
CA SER D 232 -6.66 10.20 13.21
C SER D 232 -5.62 9.28 13.87
N ALA D 233 -4.83 9.81 14.78
CA ALA D 233 -3.87 9.02 15.52
C ALA D 233 -3.69 9.60 16.92
N CYS D 234 -3.52 8.71 17.89
CA CYS D 234 -3.19 9.05 19.28
C CYS D 234 -1.93 8.37 19.72
N PHE D 235 -0.90 9.17 20.09
CA PHE D 235 0.39 8.64 20.54
C PHE D 235 0.48 8.87 22.02
N ASP D 236 0.54 7.79 22.78
CA ASP D 236 0.58 7.86 24.24
C ASP D 236 1.99 7.60 24.74
N PHE D 237 2.66 8.67 25.21
CA PHE D 237 4.05 8.54 25.71
C PHE D 237 4.05 8.25 27.19
N VAL D 238 2.88 8.08 27.77
CA VAL D 238 2.77 7.76 29.21
C VAL D 238 2.38 6.28 29.38
N SER D 239 1.25 5.92 28.80
CA SER D 239 0.77 4.51 28.75
C SER D 239 0.43 3.92 30.14
N VAL D 240 -0.45 4.61 30.86
CA VAL D 240 -1.17 4.01 31.98
C VAL D 240 -2.60 3.90 31.50
N GLN D 241 -3.44 3.23 32.28
CA GLN D 241 -4.77 2.97 31.84
C GLN D 241 -5.54 4.21 31.51
N ALA D 242 -5.44 5.22 32.36
CA ALA D 242 -6.27 6.43 32.15
C ALA D 242 -5.94 7.13 30.81
N THR D 243 -4.69 7.13 30.49
CA THR D 243 -4.17 7.81 29.30
C THR D 243 -4.53 6.98 27.99
N PHE D 244 -4.47 5.64 28.12
CA PHE D 244 -4.99 4.75 27.10
C PHE D 244 -6.46 5.01 26.84
N ASP D 245 -7.23 5.21 27.90
CA ASP D 245 -8.66 5.41 27.77
C ASP D 245 -9.00 6.70 27.10
N VAL D 246 -8.18 7.72 27.33
CA VAL D 246 -8.37 8.92 26.54
C VAL D 246 -8.04 8.64 25.04
N CYS D 247 -6.97 7.93 24.74
CA CYS D 247 -6.67 7.62 23.30
C CYS D 247 -7.85 6.93 22.68
N GLN D 248 -8.45 5.99 23.43
CA GLN D 248 -9.50 5.21 22.86
C GLN D 248 -10.80 6.00 22.70
N LYS D 249 -11.07 6.93 23.59
CA LYS D 249 -12.23 7.78 23.44
C LYS D 249 -12.04 8.81 22.28
N TYR D 250 -10.86 9.35 22.12
CA TYR D 250 -10.66 10.44 21.19
C TYR D 250 -10.14 10.05 19.81
N VAL D 251 -9.67 8.82 19.64
CA VAL D 251 -9.35 8.31 18.27
C VAL D 251 -10.56 8.11 17.43
N GLU D 252 -10.48 8.53 16.15
CA GLU D 252 -11.52 8.33 15.14
C GLU D 252 -11.65 6.92 14.70
N PRO D 253 -12.75 6.60 14.04
CA PRO D 253 -12.90 5.31 13.46
C PRO D 253 -11.76 5.04 12.46
N LYS D 254 -11.27 3.81 12.44
CA LYS D 254 -10.12 3.41 11.63
C LYS D 254 -8.82 4.07 12.00
N GLY D 255 -8.82 4.78 13.10
CA GLY D 255 -7.62 5.48 13.51
C GLY D 255 -6.71 4.58 14.29
N VAL D 256 -5.57 5.12 14.67
CA VAL D 256 -4.57 4.32 15.32
C VAL D 256 -4.21 4.87 16.72
N ILE D 257 -3.99 3.95 17.64
CA ILE D 257 -3.43 4.26 19.01
C ILE D 257 -2.06 3.65 19.11
N MET D 258 -1.08 4.44 19.41
CA MET D 258 0.30 3.99 19.49
C MET D 258 0.76 4.13 20.95
N PRO D 259 0.75 3.04 21.68
CA PRO D 259 1.18 3.12 23.10
C PRO D 259 2.69 2.98 23.17
N VAL D 260 3.37 4.11 23.05
CA VAL D 260 4.82 4.15 22.96
C VAL D 260 5.47 4.19 24.37
N GLY D 261 4.84 4.85 25.32
CA GLY D 261 5.28 4.80 26.70
C GLY D 261 5.13 3.43 27.35
N LEU D 262 5.77 3.28 28.48
CA LEU D 262 5.81 2.00 29.18
C LEU D 262 5.42 2.18 30.66
N GLY D 263 4.24 2.74 30.93
CA GLY D 263 3.84 3.13 32.29
C GLY D 263 3.11 2.06 33.08
N ALA D 264 2.68 1.00 32.41
CA ALA D 264 2.03 -0.09 33.09
C ALA D 264 2.39 -1.40 32.36
N PRO D 265 2.38 -2.52 33.08
CA PRO D 265 2.73 -3.79 32.44
C PRO D 265 1.67 -4.32 31.49
N ASN D 266 0.42 -3.98 31.75
CA ASN D 266 -0.73 -4.39 30.93
C ASN D 266 -1.65 -3.22 30.72
N LEU D 267 -2.37 -3.21 29.60
CA LEU D 267 -3.40 -2.20 29.39
C LEU D 267 -4.56 -2.89 28.84
N SER D 268 -5.72 -2.34 29.05
CA SER D 268 -6.89 -2.94 28.49
C SER D 268 -7.59 -2.01 27.53
N PHE D 269 -8.26 -2.61 26.56
CA PHE D 269 -9.09 -1.85 25.62
C PHE D 269 -10.46 -2.36 25.62
N ASN D 270 -11.41 -1.48 25.27
CA ASN D 270 -12.78 -1.84 25.13
C ASN D 270 -12.96 -2.54 23.80
N LEU D 271 -13.43 -3.78 23.82
CA LEU D 271 -13.41 -4.64 22.61
C LEU D 271 -14.50 -4.23 21.65
N GLY D 272 -15.72 -4.04 22.16
CA GLY D 272 -16.83 -3.63 21.32
C GLY D 272 -16.51 -2.37 20.55
N ASP D 273 -15.87 -1.42 21.22
CA ASP D 273 -15.52 -0.17 20.61
C ASP D 273 -14.37 -0.39 19.53
N LEU D 274 -13.35 -1.16 19.90
CA LEU D 274 -12.24 -1.41 18.98
C LEU D 274 -12.71 -2.12 17.70
N ALA D 275 -13.64 -3.05 17.85
CA ALA D 275 -14.18 -3.79 16.75
C ALA D 275 -15.09 -2.95 15.90
N LEU D 276 -16.08 -2.36 16.53
CA LEU D 276 -17.08 -1.57 15.80
C LEU D 276 -16.52 -0.40 15.03
N ARG D 277 -15.55 0.30 15.60
CA ARG D 277 -14.97 1.44 14.94
C ARG D 277 -13.64 1.14 14.22
N GLU D 278 -13.23 -0.10 14.27
CA GLU D 278 -12.01 -0.62 13.59
C GLU D 278 -10.77 0.10 13.99
N ILE D 279 -10.60 0.24 15.30
CA ILE D 279 -9.42 0.89 15.83
C ILE D 279 -8.25 -0.08 15.73
N ARG D 280 -7.07 0.46 15.54
CA ARG D 280 -5.86 -0.29 15.44
C ARG D 280 -4.95 0.15 16.55
N ILE D 281 -4.27 -0.81 17.16
CA ILE D 281 -3.27 -0.51 18.17
C ILE D 281 -2.01 -1.09 17.64
N LEU D 282 -1.00 -0.27 17.47
CA LEU D 282 0.24 -0.74 16.89
C LEU D 282 1.42 -0.57 17.85
N GLY D 283 2.09 -1.66 18.17
CA GLY D 283 3.32 -1.57 18.94
C GLY D 283 4.46 -1.06 18.10
N SER D 284 5.35 -0.35 18.76
CA SER D 284 6.46 0.32 18.18
C SER D 284 7.64 0.22 19.14
N PHE D 285 8.81 -0.10 18.63
CA PHE D 285 10.02 -0.24 19.46
C PHE D 285 11.23 0.37 18.81
N TRP D 286 11.72 1.43 19.41
CA TRP D 286 12.99 2.08 19.05
C TRP D 286 12.91 2.52 17.59
N GLY D 287 13.92 2.18 16.78
CA GLY D 287 13.88 2.37 15.38
C GLY D 287 14.93 1.53 14.61
N THR D 288 14.83 1.63 13.31
CA THR D 288 15.70 0.91 12.39
C THR D 288 16.85 1.82 11.98
N THR D 289 17.82 1.19 11.35
CA THR D 289 18.99 1.88 10.78
C THR D 289 18.55 2.92 9.77
N ASN D 290 17.69 2.53 8.83
CA ASN D 290 17.19 3.52 7.86
C ASN D 290 16.47 4.68 8.54
N ASP D 291 15.74 4.39 9.62
CA ASP D 291 15.03 5.44 10.31
C ASP D 291 16.05 6.44 10.87
N LEU D 292 17.20 5.93 11.35
CA LEU D 292 18.21 6.85 11.92
C LEU D 292 18.84 7.74 10.89
N ASP D 293 19.15 7.20 9.70
CA ASP D 293 19.47 8.02 8.53
C ASP D 293 18.41 9.11 8.29
N ASP D 294 17.12 8.75 8.31
CA ASP D 294 16.08 9.72 8.08
C ASP D 294 16.10 10.80 9.17
N VAL D 295 16.26 10.37 10.40
CA VAL D 295 16.21 11.33 11.52
C VAL D 295 17.33 12.34 11.38
N LEU D 296 18.53 11.87 11.07
CA LEU D 296 19.69 12.74 11.02
C LEU D 296 19.55 13.73 9.87
N LYS D 297 18.87 13.32 8.80
CA LYS D 297 18.57 14.21 7.68
C LYS D 297 17.60 15.31 8.15
N LEU D 298 16.54 14.93 8.87
CA LEU D 298 15.64 15.93 9.38
C LEU D 298 16.37 16.93 10.29
N VAL D 299 17.23 16.41 11.15
CA VAL D 299 17.99 17.23 12.08
C VAL D 299 18.95 18.12 11.31
N SER D 300 19.58 17.57 10.30
CA SER D 300 20.45 18.32 9.43
C SER D 300 19.77 19.48 8.73
N GLU D 301 18.55 19.25 8.27
CA GLU D 301 17.81 20.25 7.51
C GLU D 301 17.09 21.23 8.43
N GLY D 302 17.31 21.16 9.73
CA GLY D 302 16.69 22.07 10.66
C GLY D 302 15.25 21.77 11.04
N LYS D 303 14.66 20.69 10.51
CA LYS D 303 13.24 20.38 10.76
C LYS D 303 13.02 19.85 12.17
N VAL D 304 14.04 19.31 12.82
CA VAL D 304 13.91 18.85 14.20
C VAL D 304 15.15 19.37 14.92
N LYS D 305 14.97 19.99 16.10
CA LYS D 305 16.09 20.49 16.91
C LYS D 305 15.96 19.88 18.28
N PRO D 306 16.65 18.76 18.54
CA PRO D 306 16.57 18.13 19.86
C PRO D 306 17.15 19.05 20.94
N VAL D 307 16.59 19.02 22.13
CA VAL D 307 17.11 19.80 23.24
C VAL D 307 18.06 18.92 24.03
N VAL D 308 19.37 19.13 23.79
CA VAL D 308 20.43 18.42 24.46
C VAL D 308 21.15 19.42 25.35
N ARG D 309 21.57 18.97 26.52
CA ARG D 309 22.11 19.85 27.55
C ARG D 309 23.62 19.64 27.63
N LYS D 314 31.23 13.20 34.48
CA LYS D 314 29.97 12.48 34.29
C LYS D 314 29.24 12.18 35.63
N GLU D 315 28.52 13.20 36.14
CA GLU D 315 27.68 13.12 37.36
C GLU D 315 26.32 12.57 36.97
N LEU D 316 26.41 11.51 36.17
CA LEU D 316 25.26 10.71 35.79
C LEU D 316 24.38 10.37 37.01
N PRO D 317 25.01 9.95 38.13
CA PRO D 317 24.13 9.63 39.27
C PRO D 317 23.23 10.79 39.72
N GLU D 318 23.70 12.04 39.59
CA GLU D 318 22.90 13.21 39.94
C GLU D 318 21.75 13.43 38.95
N ARG D 331 16.55 15.68 27.90
CA ARG D 331 17.73 14.85 27.60
C ARG D 331 19.04 15.64 27.80
N VAL D 332 20.10 14.93 28.26
CA VAL D 332 21.46 15.44 28.50
C VAL D 332 22.57 14.54 27.89
N VAL D 333 23.56 15.16 27.23
CA VAL D 333 24.71 14.45 26.58
C VAL D 333 26.11 14.94 27.02
#